data_3FSU
#
_entry.id   3FSU
#
_cell.length_a   102.913
_cell.length_b   127.906
_cell.length_c   97.606
_cell.angle_alpha   90.000
_cell.angle_beta   121.730
_cell.angle_gamma   90.000
#
_symmetry.space_group_name_H-M   'C 1 2 1'
#
loop_
_entity.id
_entity.type
_entity.pdbx_description
1 polymer '5,10-methylenetetrahydrofolate reductase'
2 non-polymer 'FLAVIN-ADENINE DINUCLEOTIDE'
3 non-polymer '5-METHYL-5,6,7,8-TETRAHYDROFOLIC ACID'
4 non-polymer MESO-ERYTHRITOL
5 non-polymer 'SULFATE ION'
6 water water
#
_entity_poly.entity_id   1
_entity_poly.type   'polypeptide(L)'
_entity_poly.pdbx_seq_one_letter_code
;MSFFHASQRDALNQSLAEVQGQINVSFQFFPPRTSEMEQTLWNSIDRLSSLKPKFVSVTYGANSGERDRTHSIIKGIKDR
TGLEAAPHLTCIDATPDELRTIARDYWNNGIRHIVALRGDLPPGSGKPEMYASDLVTLLKEVADFDISVAAYPEVHPEAK
SAQADLLNLKRKVDAGANRAITQFFFDVESYLRFRDRCVSAGIDVEIIPGILPVSNFKQAKKLADMTNVRIPAWMAQMFD
GLDDDAETRKLVGANIAMDMVKILSREGVKDFHFYTLNRAEMSYAICHTLGVRPGLLEHHHHHH
;
_entity_poly.pdbx_strand_id   A,C,E
#
loop_
_chem_comp.id
_chem_comp.type
_chem_comp.name
_chem_comp.formula
C2F non-polymer '5-METHYL-5,6,7,8-TETRAHYDROFOLIC ACID' 'C20 H25 N7 O6'
FAD non-polymer 'FLAVIN-ADENINE DINUCLEOTIDE' 'C27 H33 N9 O15 P2'
MRY non-polymer MESO-ERYTHRITOL 'C4 H10 O4'
SO4 non-polymer 'SULFATE ION' 'O4 S -2'
#
# COMPACT_ATOMS: atom_id res chain seq x y z
N PHE A 3 18.61 5.38 -2.39
CA PHE A 3 18.47 6.73 -1.85
C PHE A 3 17.23 6.83 -0.99
N PHE A 4 17.42 6.61 0.30
CA PHE A 4 16.31 6.50 1.24
C PHE A 4 15.44 7.75 1.30
N HIS A 5 16.06 8.91 1.47
CA HIS A 5 15.30 10.15 1.67
C HIS A 5 14.42 10.48 0.47
N ALA A 6 14.93 10.26 -0.73
CA ALA A 6 14.15 10.54 -1.93
C ALA A 6 12.97 9.57 -2.03
N SER A 7 13.24 8.28 -1.89
CA SER A 7 12.20 7.26 -1.93
C SER A 7 11.11 7.53 -0.90
N GLN A 8 11.53 7.85 0.31
CA GLN A 8 10.59 8.14 1.40
C GLN A 8 9.66 9.30 1.05
N ARG A 9 10.23 10.35 0.45
CA ARG A 9 9.44 11.50 0.04
C ARG A 9 8.38 11.15 -1.02
N ASP A 10 8.79 10.37 -2.02
CA ASP A 10 7.89 10.00 -3.09
C ASP A 10 6.73 9.20 -2.53
N ALA A 11 7.03 8.29 -1.61
CA ALA A 11 6.01 7.45 -0.99
C ALA A 11 5.06 8.29 -0.15
N LEU A 12 5.61 9.20 0.65
CA LEU A 12 4.82 10.08 1.49
CA LEU A 12 4.80 10.08 1.47
C LEU A 12 3.92 10.99 0.64
N ASN A 13 4.47 11.50 -0.46
CA ASN A 13 3.69 12.38 -1.33
C ASN A 13 2.57 11.62 -2.02
N GLN A 14 2.85 10.40 -2.47
CA GLN A 14 1.85 9.62 -3.19
C GLN A 14 0.74 9.19 -2.23
N SER A 15 1.11 8.82 -1.01
CA SER A 15 0.10 8.45 -0.03
CA SER A 15 0.12 8.47 0.00
C SER A 15 -0.81 9.65 0.25
N LEU A 16 -0.21 10.84 0.37
CA LEU A 16 -1.01 12.04 0.58
C LEU A 16 -1.99 12.23 -0.59
N ALA A 17 -1.52 12.00 -1.81
CA ALA A 17 -2.37 12.19 -2.98
C ALA A 17 -3.59 11.26 -2.94
N GLU A 18 -3.43 10.08 -2.34
CA GLU A 18 -4.48 9.09 -2.34
C GLU A 18 -5.50 9.28 -1.20
N VAL A 19 -5.24 10.29 -0.38
CA VAL A 19 -6.10 10.63 0.75
C VAL A 19 -7.36 11.34 0.29
N GLN A 20 -7.30 11.96 -0.90
CA GLN A 20 -8.39 12.76 -1.41
C GLN A 20 -9.76 12.20 -1.04
N GLY A 21 -10.59 13.04 -0.43
CA GLY A 21 -11.94 12.66 -0.07
C GLY A 21 -12.12 11.95 1.25
N GLN A 22 -11.06 11.89 2.06
CA GLN A 22 -11.15 11.15 3.32
C GLN A 22 -10.89 12.00 4.56
N ILE A 23 -10.47 13.24 4.34
CA ILE A 23 -10.04 14.13 5.43
C ILE A 23 -11.16 15.10 5.81
N ASN A 24 -11.52 15.10 7.09
CA ASN A 24 -12.44 16.09 7.65
C ASN A 24 -11.66 17.25 8.21
N VAL A 25 -12.13 18.47 7.97
CA VAL A 25 -11.44 19.63 8.50
C VAL A 25 -12.43 20.55 9.22
N SER A 26 -11.88 21.37 10.10
CA SER A 26 -12.66 22.41 10.76
C SER A 26 -11.81 23.66 10.85
N PHE A 27 -12.46 24.82 10.94
CA PHE A 27 -11.72 26.08 10.96
C PHE A 27 -12.13 26.91 12.16
N GLN A 28 -11.15 27.49 12.82
CA GLN A 28 -11.37 28.36 13.95
C GLN A 28 -11.16 29.82 13.61
N PHE A 29 -12.10 30.67 13.98
CA PHE A 29 -12.02 32.11 13.76
C PHE A 29 -12.13 32.84 15.09
N PHE A 30 -11.87 34.15 15.08
CA PHE A 30 -12.05 34.95 16.28
C PHE A 30 -12.84 36.20 15.93
N PRO A 31 -13.52 36.81 16.91
CA PRO A 31 -14.31 37.99 16.58
C PRO A 31 -13.45 39.16 16.13
N PRO A 32 -13.75 39.72 14.95
CA PRO A 32 -12.99 40.85 14.42
C PRO A 32 -13.10 42.06 15.34
N ARG A 33 -12.05 42.87 15.39
CA ARG A 33 -12.04 44.03 16.27
C ARG A 33 -12.01 45.33 15.48
N THR A 34 -11.87 45.21 14.16
CA THR A 34 -11.88 46.37 13.29
C THR A 34 -12.72 46.07 12.07
N SER A 35 -13.15 47.13 11.37
CA SER A 35 -13.92 46.92 10.15
C SER A 35 -13.06 46.19 9.12
N GLU A 36 -11.75 46.47 9.13
CA GLU A 36 -10.84 45.81 8.20
C GLU A 36 -10.79 44.31 8.45
N MET A 37 -10.70 43.91 9.72
CA MET A 37 -10.68 42.50 10.08
C MET A 37 -12.04 41.86 9.83
N GLU A 38 -13.11 42.63 10.02
CA GLU A 38 -14.45 42.11 9.78
C GLU A 38 -14.54 41.67 8.32
N GLN A 39 -14.09 42.56 7.43
CA GLN A 39 -14.10 42.26 6.01
C GLN A 39 -13.27 41.02 5.69
N THR A 40 -12.07 40.96 6.24
CA THR A 40 -11.17 39.83 6.04
C THR A 40 -11.82 38.53 6.48
N LEU A 41 -12.45 38.56 7.65
CA LEU A 41 -13.09 37.36 8.20
C LEU A 41 -14.18 36.82 7.28
N TRP A 42 -15.09 37.69 6.86
CA TRP A 42 -16.20 37.20 6.04
C TRP A 42 -15.70 36.72 4.68
N ASN A 43 -14.65 37.36 4.16
CA ASN A 43 -13.98 36.84 2.97
C ASN A 43 -13.46 35.43 3.22
N SER A 44 -12.79 35.24 4.35
CA SER A 44 -12.22 33.95 4.69
C SER A 44 -13.32 32.91 4.92
N ILE A 45 -14.42 33.32 5.56
CA ILE A 45 -15.52 32.40 5.79
C ILE A 45 -16.10 31.92 4.46
N ASP A 46 -16.30 32.84 3.51
CA ASP A 46 -16.81 32.45 2.20
C ASP A 46 -15.86 31.47 1.51
N ARG A 47 -14.57 31.80 1.53
CA ARG A 47 -13.56 31.00 0.87
CA ARG A 47 -13.59 30.98 0.85
C ARG A 47 -13.48 29.59 1.46
N LEU A 48 -13.36 29.53 2.78
CA LEU A 48 -13.20 28.25 3.46
C LEU A 48 -14.48 27.42 3.50
N SER A 49 -15.64 28.09 3.48
CA SER A 49 -16.92 27.36 3.47
C SER A 49 -17.04 26.44 2.25
N SER A 50 -16.37 26.83 1.17
CA SER A 50 -16.42 26.06 -0.08
C SER A 50 -15.74 24.70 0.07
N LEU A 51 -14.96 24.53 1.14
CA LEU A 51 -14.28 23.26 1.43
C LEU A 51 -15.14 22.30 2.24
N LYS A 52 -16.35 22.71 2.59
CA LYS A 52 -17.28 21.86 3.34
C LYS A 52 -16.69 21.33 4.64
N PRO A 53 -16.24 22.23 5.51
CA PRO A 53 -15.70 21.78 6.80
C PRO A 53 -16.80 21.11 7.61
N LYS A 54 -16.40 20.19 8.48
CA LYS A 54 -17.33 19.49 9.35
C LYS A 54 -18.00 20.49 10.30
N PHE A 55 -17.21 21.46 10.77
CA PHE A 55 -17.76 22.57 11.53
C PHE A 55 -16.76 23.72 11.49
N VAL A 56 -17.19 24.89 11.92
CA VAL A 56 -16.24 25.96 12.20
C VAL A 56 -16.51 26.42 13.63
N SER A 57 -15.57 27.13 14.22
CA SER A 57 -15.75 27.59 15.59
C SER A 57 -15.27 29.03 15.74
N VAL A 58 -15.74 29.69 16.80
CA VAL A 58 -15.41 31.09 17.02
C VAL A 58 -15.04 31.29 18.47
N THR A 59 -13.82 31.78 18.70
CA THR A 59 -13.32 31.99 20.05
C THR A 59 -14.11 33.02 20.86
N TYR A 60 -13.94 32.93 22.17
CA TYR A 60 -14.53 33.89 23.10
C TYR A 60 -13.46 34.18 24.14
N GLY A 61 -12.92 35.39 24.12
CA GLY A 61 -11.84 35.72 25.04
C GLY A 61 -12.34 35.78 26.47
N ALA A 62 -11.85 34.88 27.31
CA ALA A 62 -12.20 34.88 28.73
C ALA A 62 -11.94 36.25 29.38
N ASN A 63 -12.89 36.69 30.21
CA ASN A 63 -12.73 37.90 30.98
C ASN A 63 -12.77 39.16 30.12
N SER A 64 -13.10 38.97 28.85
CA SER A 64 -13.15 40.08 27.89
C SER A 64 -14.45 40.87 28.00
N GLY A 65 -15.53 40.17 28.35
CA GLY A 65 -16.83 40.81 28.47
C GLY A 65 -17.46 41.13 27.13
N GLU A 66 -16.92 40.52 26.07
CA GLU A 66 -17.39 40.75 24.71
C GLU A 66 -18.08 39.51 24.14
N ARG A 67 -18.81 38.79 24.99
CA ARG A 67 -19.48 37.57 24.58
C ARG A 67 -20.45 37.78 23.41
N ASP A 68 -21.12 38.92 23.39
CA ASP A 68 -22.11 39.16 22.34
C ASP A 68 -21.50 39.12 20.94
N ARG A 69 -20.22 39.46 20.82
CA ARG A 69 -19.55 39.45 19.52
C ARG A 69 -19.46 38.02 19.00
N THR A 70 -19.06 37.11 19.88
CA THR A 70 -18.97 35.71 19.53
C THR A 70 -20.31 35.17 19.02
N HIS A 71 -21.39 35.44 19.76
CA HIS A 71 -22.71 34.92 19.40
C HIS A 71 -23.16 35.48 18.07
N SER A 72 -22.88 36.76 17.85
CA SER A 72 -23.28 37.45 16.63
C SER A 72 -22.56 36.87 15.42
N ILE A 73 -21.26 36.60 15.56
CA ILE A 73 -20.49 36.01 14.47
C ILE A 73 -21.02 34.61 14.16
N ILE A 74 -21.29 33.83 15.20
CA ILE A 74 -21.81 32.49 15.01
C ILE A 74 -23.13 32.47 14.23
N LYS A 75 -24.05 33.36 14.59
CA LYS A 75 -25.33 33.43 13.88
C LYS A 75 -25.10 33.84 12.42
N GLY A 76 -24.19 34.78 12.21
CA GLY A 76 -23.89 35.25 10.86
C GLY A 76 -23.39 34.11 9.99
N ILE A 77 -22.52 33.29 10.55
CA ILE A 77 -21.97 32.14 9.83
C ILE A 77 -23.06 31.13 9.46
N LYS A 78 -23.91 30.79 10.42
CA LYS A 78 -24.99 29.83 10.17
C LYS A 78 -25.93 30.35 9.09
N ASP A 79 -26.33 31.61 9.21
CA ASP A 79 -27.24 32.23 8.25
C ASP A 79 -26.65 32.26 6.84
N ARG A 80 -25.36 32.60 6.77
CA ARG A 80 -24.68 32.84 5.50
C ARG A 80 -24.28 31.55 4.78
N THR A 81 -23.88 30.53 5.54
CA THR A 81 -23.23 29.37 4.96
C THR A 81 -23.97 28.05 5.15
N GLY A 82 -24.82 27.98 6.17
CA GLY A 82 -25.51 26.74 6.50
C GLY A 82 -24.60 25.77 7.25
N LEU A 83 -23.39 26.21 7.56
CA LEU A 83 -22.44 25.35 8.26
C LEU A 83 -22.77 25.21 9.74
N GLU A 84 -22.33 24.11 10.32
CA GLU A 84 -22.34 23.98 11.77
C GLU A 84 -21.29 24.92 12.33
N ALA A 85 -21.71 25.82 13.23
CA ALA A 85 -20.80 26.78 13.82
C ALA A 85 -20.83 26.66 15.34
N ALA A 86 -19.67 26.45 15.94
CA ALA A 86 -19.56 26.18 17.37
C ALA A 86 -18.94 27.34 18.13
N PRO A 87 -19.69 27.94 19.05
CA PRO A 87 -19.08 29.00 19.86
C PRO A 87 -18.12 28.38 20.87
N HIS A 88 -17.03 29.08 21.15
CA HIS A 88 -16.24 28.74 22.33
C HIS A 88 -16.90 29.41 23.53
N LEU A 89 -16.87 28.70 24.66
CA LEU A 89 -17.48 29.20 25.88
C LEU A 89 -16.52 28.91 27.01
N THR A 90 -16.26 29.91 27.85
CA THR A 90 -15.33 29.74 28.96
C THR A 90 -16.10 29.88 30.27
N CYS A 91 -15.59 29.29 31.34
CA CYS A 91 -16.34 29.34 32.58
C CYS A 91 -15.64 30.13 33.67
N ILE A 92 -14.40 30.52 33.40
CA ILE A 92 -13.62 31.18 34.44
C ILE A 92 -14.23 32.54 34.78
N ASP A 93 -15.02 33.08 33.85
CA ASP A 93 -15.54 34.44 33.98
C ASP A 93 -17.07 34.54 34.05
N ALA A 94 -17.74 33.45 34.41
CA ALA A 94 -19.19 33.46 34.48
C ALA A 94 -19.67 32.54 35.59
N THR A 95 -20.83 32.84 36.17
CA THR A 95 -21.38 31.96 37.18
C THR A 95 -22.11 30.81 36.51
N PRO A 96 -22.26 29.69 37.24
CA PRO A 96 -22.99 28.56 36.68
C PRO A 96 -24.36 28.97 36.17
N ASP A 97 -25.07 29.85 36.88
CA ASP A 97 -26.39 30.27 36.43
C ASP A 97 -26.31 31.01 35.11
N GLU A 98 -25.35 31.92 35.00
CA GLU A 98 -25.14 32.67 33.76
C GLU A 98 -24.81 31.70 32.63
N LEU A 99 -24.04 30.68 32.94
CA LEU A 99 -23.60 29.73 31.92
C LEU A 99 -24.76 28.87 31.41
N ARG A 100 -25.65 28.47 32.30
CA ARG A 100 -26.84 27.70 31.92
C ARG A 100 -27.74 28.50 31.00
N THR A 101 -27.88 29.79 31.29
CA THR A 101 -28.71 30.67 30.47
C THR A 101 -28.09 30.82 29.09
N ILE A 102 -26.78 31.05 29.06
CA ILE A 102 -26.07 31.17 27.81
C ILE A 102 -26.23 29.88 26.99
N ALA A 103 -26.10 28.75 27.67
CA ALA A 103 -26.17 27.45 26.99
C ALA A 103 -27.58 27.18 26.44
N ARG A 104 -28.59 27.50 27.23
CA ARG A 104 -29.97 27.31 26.81
CA ARG A 104 -29.98 27.30 26.80
C ARG A 104 -30.32 28.17 25.60
N ASP A 105 -29.83 29.41 25.61
CA ASP A 105 -30.09 30.32 24.50
C ASP A 105 -29.41 29.80 23.23
N TYR A 106 -28.19 29.30 23.36
CA TYR A 106 -27.51 28.70 22.21
C TYR A 106 -28.36 27.54 21.67
N TRP A 107 -28.73 26.61 22.54
CA TRP A 107 -29.50 25.46 22.11
C TRP A 107 -30.78 25.87 21.38
N ASN A 108 -31.53 26.79 21.98
CA ASN A 108 -32.77 27.26 21.36
C ASN A 108 -32.56 28.01 20.05
N ASN A 109 -31.33 28.46 19.82
CA ASN A 109 -30.99 29.16 18.58
C ASN A 109 -30.36 28.22 17.56
N GLY A 110 -30.45 26.92 17.83
CA GLY A 110 -29.98 25.92 16.88
C GLY A 110 -28.48 25.70 16.95
N ILE A 111 -27.86 26.23 17.98
CA ILE A 111 -26.40 26.11 18.14
C ILE A 111 -26.13 25.00 19.14
N ARG A 112 -25.71 23.84 18.65
CA ARG A 112 -25.72 22.63 19.48
C ARG A 112 -24.37 21.91 19.55
N HIS A 113 -23.31 22.62 19.16
CA HIS A 113 -21.94 22.18 19.37
C HIS A 113 -21.25 23.35 20.05
N ILE A 114 -20.66 23.09 21.21
CA ILE A 114 -19.95 24.09 21.98
C ILE A 114 -18.52 23.62 22.22
N VAL A 115 -17.56 24.52 22.05
CA VAL A 115 -16.19 24.22 22.48
C VAL A 115 -16.06 24.71 23.93
N ALA A 116 -15.97 23.77 24.85
CA ALA A 116 -16.05 24.09 26.29
C ALA A 116 -14.66 24.21 26.92
N LEU A 117 -14.33 25.40 27.38
CA LEU A 117 -13.00 25.69 27.90
C LEU A 117 -13.08 26.36 29.26
N ARG A 118 -11.97 26.30 30.00
CA ARG A 118 -11.88 27.01 31.27
CA ARG A 118 -11.92 27.02 31.26
C ARG A 118 -11.64 28.48 30.98
N GLY A 119 -10.65 28.73 30.11
CA GLY A 119 -10.33 30.08 29.70
C GLY A 119 -8.99 30.59 30.16
N ASP A 120 -8.36 31.38 29.29
CA ASP A 120 -7.14 32.10 29.63
C ASP A 120 -7.45 33.03 30.78
N LEU A 121 -6.60 33.04 31.81
CA LEU A 121 -6.87 33.86 33.00
C LEU A 121 -6.53 35.33 32.75
N GLU A 129 -12.24 28.63 40.33
CA GLU A 129 -13.55 28.11 40.65
C GLU A 129 -13.87 26.86 39.82
N MET A 130 -14.51 27.06 38.69
CA MET A 130 -14.82 25.97 37.77
C MET A 130 -13.60 25.61 36.93
N TYR A 131 -13.45 24.32 36.66
CA TYR A 131 -12.51 23.86 35.64
C TYR A 131 -13.30 23.46 34.41
N ALA A 132 -12.62 23.19 33.30
CA ALA A 132 -13.36 22.91 32.08
C ALA A 132 -14.31 21.72 32.24
N SER A 133 -13.88 20.70 32.99
CA SER A 133 -14.70 19.52 33.19
C SER A 133 -16.03 19.87 33.86
N ASP A 134 -16.01 20.88 34.74
CA ASP A 134 -17.24 21.37 35.40
C ASP A 134 -18.18 21.99 34.37
N LEU A 135 -17.60 22.69 33.39
CA LEU A 135 -18.41 23.26 32.32
C LEU A 135 -19.02 22.15 31.46
N VAL A 136 -18.24 21.12 31.15
CA VAL A 136 -18.76 20.03 30.35
C VAL A 136 -20.00 19.42 31.01
N THR A 137 -19.87 19.08 32.29
CA THR A 137 -20.99 18.57 33.08
C THR A 137 -22.20 19.50 33.07
N LEU A 138 -21.96 20.78 33.30
CA LEU A 138 -23.04 21.77 33.28
C LEU A 138 -23.77 21.78 31.94
N LEU A 139 -23.02 21.78 30.85
CA LEU A 139 -23.60 21.83 29.51
C LEU A 139 -24.47 20.61 29.22
N LYS A 140 -23.99 19.42 29.58
CA LYS A 140 -24.74 18.19 29.33
C LYS A 140 -26.02 18.16 30.14
N GLU A 141 -26.00 18.80 31.29
CA GLU A 141 -27.21 18.90 32.11
C GLU A 141 -28.27 19.74 31.41
N VAL A 142 -27.82 20.76 30.68
CA VAL A 142 -28.72 21.65 29.96
C VAL A 142 -29.34 20.98 28.74
N ALA A 143 -28.50 20.32 27.94
CA ALA A 143 -28.99 19.65 26.74
C ALA A 143 -27.91 18.76 26.16
N ASP A 144 -28.28 17.96 25.17
CA ASP A 144 -27.37 16.97 24.62
C ASP A 144 -26.41 17.56 23.58
N PHE A 145 -25.61 18.53 24.01
CA PHE A 145 -24.66 19.20 23.13
C PHE A 145 -23.57 18.26 22.63
N ASP A 146 -23.10 18.52 21.42
CA ASP A 146 -21.78 18.06 21.02
C ASP A 146 -20.82 18.99 21.74
N ILE A 147 -19.82 18.42 22.40
CA ILE A 147 -18.88 19.24 23.16
C ILE A 147 -17.44 18.91 22.78
N SER A 148 -16.69 19.93 22.39
CA SER A 148 -15.26 19.76 22.13
C SER A 148 -14.45 20.38 23.26
N VAL A 149 -13.34 19.75 23.62
CA VAL A 149 -12.47 20.27 24.69
C VAL A 149 -11.01 20.31 24.28
N ALA A 150 -10.22 21.10 24.99
CA ALA A 150 -8.80 21.28 24.69
C ALA A 150 -7.92 20.16 25.23
N ALA A 151 -6.95 19.75 24.41
CA ALA A 151 -5.95 18.75 24.81
C ALA A 151 -4.56 19.35 24.63
N TYR A 152 -3.62 18.89 25.45
CA TYR A 152 -2.26 19.48 25.43
C TYR A 152 -1.16 18.44 25.29
N PRO A 153 -0.75 18.15 24.06
CA PRO A 153 0.32 17.16 23.88
C PRO A 153 1.58 17.48 24.67
N GLU A 154 1.83 18.77 24.94
CA GLU A 154 3.04 19.18 25.64
C GLU A 154 2.77 19.61 27.08
N VAL A 155 1.57 19.27 27.55
CA VAL A 155 1.10 19.52 28.92
C VAL A 155 0.74 20.98 29.16
N HIS A 156 -0.47 21.21 29.67
CA HIS A 156 -0.89 22.56 30.01
C HIS A 156 0.09 23.13 31.04
N PRO A 157 0.45 24.43 30.91
CA PRO A 157 1.49 25.02 31.77
C PRO A 157 1.17 24.96 33.27
N GLU A 158 -0.11 24.88 33.62
CA GLU A 158 -0.51 24.93 35.03
C GLU A 158 -0.71 23.55 35.64
N ALA A 159 -0.54 22.49 34.85
CA ALA A 159 -0.81 21.15 35.35
C ALA A 159 0.24 20.73 36.36
N LYS A 160 -0.20 20.02 37.40
CA LYS A 160 0.70 19.50 38.42
C LYS A 160 1.67 18.47 37.83
N SER A 161 1.22 17.78 36.79
CA SER A 161 2.05 16.79 36.11
C SER A 161 1.43 16.41 34.79
N ALA A 162 2.20 15.73 33.94
CA ALA A 162 1.68 15.25 32.68
C ALA A 162 0.55 14.26 32.92
N GLN A 163 0.70 13.45 33.98
CA GLN A 163 -0.32 12.45 34.31
C GLN A 163 -1.60 13.15 34.73
N ALA A 164 -1.47 14.17 35.56
CA ALA A 164 -2.64 14.89 36.04
C ALA A 164 -3.37 15.53 34.86
N ASP A 165 -2.62 16.09 33.92
CA ASP A 165 -3.22 16.77 32.77
C ASP A 165 -3.94 15.78 31.86
N LEU A 166 -3.33 14.61 31.68
CA LEU A 166 -3.93 13.54 30.89
C LEU A 166 -5.21 13.01 31.55
N LEU A 167 -5.18 12.81 32.86
CA LEU A 167 -6.36 12.35 33.57
C LEU A 167 -7.45 13.42 33.55
N ASN A 168 -7.03 14.67 33.44
CA ASN A 168 -8.00 15.75 33.31
C ASN A 168 -8.72 15.66 31.97
N LEU A 169 -7.98 15.38 30.90
CA LEU A 169 -8.63 15.21 29.60
C LEU A 169 -9.63 14.06 29.71
N LYS A 170 -9.21 12.98 30.35
CA LYS A 170 -10.11 11.85 30.54
C LYS A 170 -11.36 12.26 31.30
N ARG A 171 -11.18 13.10 32.32
CA ARG A 171 -12.30 13.63 33.10
C ARG A 171 -13.27 14.39 32.20
N LYS A 172 -12.73 15.19 31.30
CA LYS A 172 -13.59 15.99 30.42
C LYS A 172 -14.34 15.11 29.44
N VAL A 173 -13.67 14.07 28.94
CA VAL A 173 -14.31 13.14 28.02
C VAL A 173 -15.39 12.32 28.74
N ASP A 174 -15.08 11.84 29.93
CA ASP A 174 -16.04 11.10 30.74
C ASP A 174 -17.27 11.93 31.10
N ALA A 175 -17.07 13.25 31.20
CA ALA A 175 -18.16 14.17 31.52
C ALA A 175 -19.07 14.44 30.33
N GLY A 176 -18.59 14.11 29.14
CA GLY A 176 -19.44 14.21 27.97
C GLY A 176 -18.79 14.78 26.72
N ALA A 177 -17.51 15.16 26.80
CA ALA A 177 -16.87 15.72 25.63
C ALA A 177 -16.73 14.63 24.56
N ASN A 178 -17.09 14.94 23.32
CA ASN A 178 -16.97 13.94 22.28
C ASN A 178 -15.93 14.23 21.20
N ARG A 179 -15.24 15.37 21.34
CA ARG A 179 -14.01 15.63 20.57
C ARG A 179 -12.96 16.26 21.49
N ALA A 180 -11.70 15.99 21.19
CA ALA A 180 -10.58 16.69 21.80
C ALA A 180 -9.82 17.37 20.68
N ILE A 181 -9.50 18.64 20.87
CA ILE A 181 -8.74 19.39 19.88
C ILE A 181 -7.46 19.86 20.54
N THR A 182 -6.31 19.61 19.92
CA THR A 182 -5.05 19.95 20.59
C THR A 182 -4.66 21.42 20.43
N GLN A 183 -3.98 21.90 21.46
CA GLN A 183 -3.13 23.07 21.37
C GLN A 183 -2.23 22.89 20.15
N PHE A 184 -1.82 23.97 19.50
CA PHE A 184 -0.94 23.83 18.36
C PHE A 184 0.42 23.30 18.83
N PHE A 185 1.14 22.66 17.91
CA PHE A 185 2.46 22.12 18.21
C PHE A 185 3.29 22.19 16.93
N PHE A 186 4.61 22.11 17.10
CA PHE A 186 5.51 22.03 15.96
C PHE A 186 6.41 20.83 16.03
N ASP A 187 6.39 20.14 17.17
CA ASP A 187 7.11 18.89 17.38
C ASP A 187 6.07 17.79 17.10
N VAL A 188 6.10 17.25 15.89
CA VAL A 188 5.09 16.27 15.49
C VAL A 188 5.16 15.00 16.34
N GLU A 189 6.37 14.60 16.71
CA GLU A 189 6.51 13.43 17.57
C GLU A 189 5.76 13.61 18.90
N SER A 190 5.71 14.83 19.41
CA SER A 190 5.00 15.06 20.67
CA SER A 190 5.00 15.08 20.67
C SER A 190 3.52 14.75 20.56
N TYR A 191 2.91 15.13 19.44
CA TYR A 191 1.50 14.81 19.21
C TYR A 191 1.31 13.30 19.10
N LEU A 192 2.16 12.64 18.32
CA LEU A 192 2.00 11.21 18.14
C LEU A 192 2.20 10.43 19.44
N ARG A 193 3.17 10.85 20.25
CA ARG A 193 3.37 10.21 21.55
C ARG A 193 2.16 10.46 22.46
N PHE A 194 1.63 11.67 22.43
CA PHE A 194 0.45 12.00 23.23
C PHE A 194 -0.76 11.17 22.80
N ARG A 195 -0.94 10.98 21.51
CA ARG A 195 -2.07 10.19 21.00
C ARG A 195 -1.99 8.77 21.56
N ASP A 196 -0.78 8.21 21.58
CA ASP A 196 -0.62 6.90 22.19
C ASP A 196 -0.88 6.92 23.69
N ARG A 197 -0.47 7.96 24.38
CA ARG A 197 -0.73 8.03 25.83
C ARG A 197 -2.21 8.15 26.14
N CYS A 198 -2.95 8.81 25.25
CA CYS A 198 -4.40 8.90 25.42
C CYS A 198 -5.04 7.52 25.36
N VAL A 199 -4.56 6.66 24.46
CA VAL A 199 -5.04 5.28 24.46
C VAL A 199 -4.69 4.56 25.75
N SER A 200 -3.47 4.75 26.24
CA SER A 200 -3.10 4.12 27.50
C SER A 200 -4.02 4.54 28.66
N ALA A 201 -4.49 5.78 28.62
CA ALA A 201 -5.39 6.30 29.66
C ALA A 201 -6.85 5.90 29.42
N GLY A 202 -7.09 5.15 28.35
CA GLY A 202 -8.43 4.66 28.06
C GLY A 202 -9.38 5.69 27.48
N ILE A 203 -8.82 6.71 26.84
CA ILE A 203 -9.63 7.78 26.23
C ILE A 203 -10.01 7.37 24.80
N ASP A 204 -11.31 7.31 24.52
CA ASP A 204 -11.75 6.69 23.26
C ASP A 204 -12.17 7.69 22.19
N VAL A 205 -11.94 8.97 22.42
CA VAL A 205 -12.24 9.96 21.40
C VAL A 205 -11.01 10.27 20.55
N GLU A 206 -11.24 10.66 19.30
CA GLU A 206 -10.13 11.00 18.44
C GLU A 206 -9.49 12.28 18.98
N ILE A 207 -8.17 12.37 18.86
CA ILE A 207 -7.44 13.54 19.33
C ILE A 207 -7.11 14.36 18.09
N ILE A 208 -7.88 15.41 17.84
CA ILE A 208 -7.76 16.18 16.60
C ILE A 208 -6.63 17.21 16.71
N PRO A 209 -5.63 17.12 15.81
CA PRO A 209 -4.55 18.12 15.91
C PRO A 209 -5.04 19.50 15.51
N GLY A 210 -4.76 20.49 16.34
CA GLY A 210 -4.97 21.89 16.01
C GLY A 210 -3.70 22.39 15.33
N ILE A 211 -3.86 22.85 14.09
CA ILE A 211 -2.73 23.29 13.26
C ILE A 211 -2.68 24.82 13.21
N LEU A 212 -1.54 25.39 13.58
CA LEU A 212 -1.32 26.82 13.42
C LEU A 212 -0.36 27.05 12.25
N PRO A 213 -0.90 27.46 11.09
CA PRO A 213 -0.02 27.89 9.99
C PRO A 213 0.64 29.21 10.37
N VAL A 214 1.97 29.21 10.41
CA VAL A 214 2.67 30.39 10.90
C VAL A 214 3.11 31.31 9.78
N SER A 215 2.64 32.55 9.79
CA SER A 215 3.21 33.55 8.90
C SER A 215 3.94 34.62 9.71
N ASN A 216 3.40 34.94 10.89
CA ASN A 216 4.07 35.89 11.77
C ASN A 216 4.74 35.13 12.87
N PHE A 217 6.01 34.80 12.67
CA PHE A 217 6.74 33.99 13.66
C PHE A 217 6.96 34.70 15.00
N LYS A 218 7.27 35.99 14.95
CA LYS A 218 7.51 36.74 16.19
C LYS A 218 6.35 36.53 17.15
N GLN A 219 5.14 36.65 16.60
CA GLN A 219 3.94 36.54 17.42
C GLN A 219 3.64 35.10 17.81
N ALA A 220 3.85 34.16 16.90
CA ALA A 220 3.64 32.76 17.23
C ALA A 220 4.60 32.35 18.36
N LYS A 221 5.82 32.85 18.31
CA LYS A 221 6.80 32.48 19.33
C LYS A 221 6.42 33.00 20.72
N LYS A 222 5.90 34.22 20.78
CA LYS A 222 5.49 34.79 22.06
C LYS A 222 4.41 33.92 22.69
N LEU A 223 3.46 33.48 21.88
CA LEU A 223 2.38 32.62 22.39
C LEU A 223 2.88 31.22 22.76
N ALA A 224 3.68 30.63 21.87
CA ALA A 224 4.26 29.32 22.19
C ALA A 224 5.02 29.37 23.50
N ASP A 225 5.76 30.46 23.73
CA ASP A 225 6.57 30.55 24.94
C ASP A 225 5.68 30.61 26.18
N MET A 226 4.48 31.18 26.04
CA MET A 226 3.55 31.31 27.16
C MET A 226 2.69 30.06 27.36
N THR A 227 2.70 29.16 26.39
CA THR A 227 1.81 28.02 26.42
C THR A 227 2.57 26.71 26.49
N ASN A 228 3.88 26.79 26.69
CA ASN A 228 4.70 25.61 26.84
C ASN A 228 4.84 24.80 25.54
N VAL A 229 4.68 25.47 24.40
CA VAL A 229 4.80 24.80 23.11
C VAL A 229 6.22 24.95 22.56
N ARG A 230 6.88 23.82 22.30
CA ARG A 230 8.27 23.86 21.84
C ARG A 230 8.42 24.30 20.39
N ILE A 231 9.33 25.24 20.15
CA ILE A 231 9.70 25.59 18.78
CA ILE A 231 9.72 25.60 18.79
C ILE A 231 11.05 24.92 18.51
N PRO A 232 11.05 23.94 17.60
CA PRO A 232 12.32 23.27 17.33
C PRO A 232 13.38 24.26 16.85
N ALA A 233 14.63 23.96 17.13
CA ALA A 233 15.71 24.84 16.70
C ALA A 233 15.71 25.07 15.19
N TRP A 234 15.38 24.03 14.41
CA TRP A 234 15.41 24.19 12.96
C TRP A 234 14.33 25.19 12.50
N MET A 235 13.23 25.26 13.25
CA MET A 235 12.14 26.17 12.90
C MET A 235 12.51 27.61 13.26
N ALA A 236 13.13 27.78 14.42
CA ALA A 236 13.62 29.11 14.78
C ALA A 236 14.63 29.59 13.73
N GLN A 237 15.47 28.68 13.25
CA GLN A 237 16.48 29.04 12.25
C GLN A 237 15.80 29.38 10.92
N MET A 238 14.73 28.67 10.61
CA MET A 238 13.98 28.90 9.38
CA MET A 238 13.99 28.91 9.37
C MET A 238 13.40 30.31 9.32
N PHE A 239 12.98 30.85 10.46
CA PHE A 239 12.38 32.19 10.44
C PHE A 239 13.36 33.30 10.79
N ASP A 240 14.55 32.92 11.20
CA ASP A 240 15.57 33.90 11.52
C ASP A 240 15.83 34.79 10.31
N GLY A 241 15.87 36.10 10.54
CA GLY A 241 16.19 37.05 9.48
C GLY A 241 15.01 37.45 8.61
N LEU A 242 13.81 37.02 8.96
CA LEU A 242 12.64 37.29 8.13
C LEU A 242 11.67 38.31 8.72
N ASP A 243 12.09 39.01 9.77
CA ASP A 243 11.21 39.96 10.44
C ASP A 243 10.53 40.93 9.48
N ASP A 244 11.23 41.31 8.41
CA ASP A 244 10.66 42.29 7.50
C ASP A 244 10.36 41.73 6.11
N ASP A 245 10.21 40.40 6.03
CA ASP A 245 10.00 39.77 4.75
C ASP A 245 8.76 38.90 4.82
N ALA A 246 7.59 39.52 4.71
CA ALA A 246 6.33 38.80 4.87
C ALA A 246 6.17 37.70 3.83
N GLU A 247 6.64 37.96 2.61
CA GLU A 247 6.53 37.01 1.50
C GLU A 247 7.27 35.70 1.79
N THR A 248 8.53 35.81 2.18
CA THR A 248 9.30 34.60 2.50
C THR A 248 8.72 33.89 3.71
N ARG A 249 8.28 34.65 4.71
CA ARG A 249 7.67 34.02 5.89
C ARG A 249 6.47 33.16 5.50
N LYS A 250 5.65 33.67 4.58
CA LYS A 250 4.47 32.92 4.15
C LYS A 250 4.87 31.60 3.48
N LEU A 251 5.85 31.65 2.60
CA LEU A 251 6.27 30.45 1.89
C LEU A 251 6.89 29.43 2.85
N VAL A 252 7.74 29.88 3.77
CA VAL A 252 8.36 29.01 4.77
CA VAL A 252 8.34 28.94 4.71
C VAL A 252 7.32 28.38 5.71
N GLY A 253 6.38 29.20 6.15
CA GLY A 253 5.32 28.76 7.04
C GLY A 253 4.42 27.74 6.38
N ALA A 254 4.09 27.99 5.12
CA ALA A 254 3.25 27.06 4.37
C ALA A 254 3.95 25.71 4.25
N ASN A 255 5.24 25.78 3.97
CA ASN A 255 6.05 24.57 3.81
C ASN A 255 6.04 23.75 5.10
N ILE A 256 6.21 24.41 6.22
CA ILE A 256 6.20 23.72 7.52
C ILE A 256 4.84 23.06 7.78
N ALA A 257 3.76 23.80 7.58
CA ALA A 257 2.43 23.25 7.85
C ALA A 257 2.08 22.12 6.89
N MET A 258 2.46 22.26 5.63
CA MET A 258 2.20 21.22 4.65
C MET A 258 2.95 19.93 5.00
N ASP A 259 4.21 20.09 5.42
CA ASP A 259 5.00 18.92 5.84
CA ASP A 259 5.01 18.94 5.84
C ASP A 259 4.34 18.25 7.04
N MET A 260 3.92 19.05 8.01
CA MET A 260 3.29 18.50 9.22
C MET A 260 2.04 17.69 8.88
N VAL A 261 1.15 18.23 8.06
CA VAL A 261 -0.09 17.47 7.80
C VAL A 261 0.15 16.23 6.94
N LYS A 262 1.17 16.28 6.08
CA LYS A 262 1.54 15.14 5.27
C LYS A 262 1.96 13.99 6.18
N ILE A 263 2.76 14.30 7.19
CA ILE A 263 3.25 13.27 8.11
C ILE A 263 2.12 12.78 9.00
N LEU A 264 1.31 13.70 9.50
CA LEU A 264 0.20 13.32 10.37
C LEU A 264 -0.80 12.45 9.60
N SER A 265 -1.08 12.79 8.36
CA SER A 265 -1.99 12.01 7.53
CA SER A 265 -2.03 11.99 7.60
C SER A 265 -1.50 10.58 7.35
N ARG A 266 -0.20 10.43 7.09
CA ARG A 266 0.37 9.11 6.90
C ARG A 266 0.23 8.28 8.17
N GLU A 267 0.26 8.95 9.32
CA GLU A 267 0.14 8.26 10.61
C GLU A 267 -1.32 8.03 10.97
N GLY A 268 -2.21 8.30 10.03
CA GLY A 268 -3.61 7.93 10.21
C GLY A 268 -4.54 9.02 10.71
N VAL A 269 -4.05 10.25 10.80
CA VAL A 269 -4.90 11.34 11.23
C VAL A 269 -5.80 11.71 10.05
N LYS A 270 -7.11 11.78 10.30
CA LYS A 270 -8.06 12.12 9.24
C LYS A 270 -8.95 13.27 9.65
N ASP A 271 -8.53 14.00 10.67
CA ASP A 271 -9.26 15.16 11.18
C ASP A 271 -8.25 16.23 11.54
N PHE A 272 -8.45 17.45 11.04
CA PHE A 272 -7.57 18.57 11.34
C PHE A 272 -8.40 19.80 11.66
N HIS A 273 -7.96 20.56 12.65
CA HIS A 273 -8.62 21.80 13.05
C HIS A 273 -7.61 22.92 12.84
N PHE A 274 -7.97 23.90 12.03
CA PHE A 274 -7.04 24.97 11.68
C PHE A 274 -7.26 26.26 12.44
N TYR A 275 -6.20 26.74 13.07
CA TYR A 275 -6.21 28.06 13.68
C TYR A 275 -5.93 29.08 12.59
N THR A 276 -6.99 29.61 11.97
CA THR A 276 -6.83 30.41 10.76
C THR A 276 -6.38 31.82 11.03
N LEU A 277 -6.55 32.28 12.27
CA LEU A 277 -6.34 33.69 12.59
C LEU A 277 -7.13 34.57 11.62
N ASN A 278 -8.24 34.02 11.13
CA ASN A 278 -9.20 34.73 10.27
C ASN A 278 -8.74 34.93 8.83
N ARG A 279 -7.61 34.33 8.48
CA ARG A 279 -7.12 34.40 7.12
C ARG A 279 -7.28 33.05 6.43
N ALA A 280 -7.64 33.05 5.16
CA ALA A 280 -7.98 31.81 4.49
C ALA A 280 -6.80 31.19 3.75
N GLU A 281 -5.90 32.03 3.24
CA GLU A 281 -4.92 31.59 2.24
C GLU A 281 -4.11 30.34 2.63
N MET A 282 -3.46 30.38 3.79
CA MET A 282 -2.61 29.26 4.19
CA MET A 282 -2.60 29.25 4.18
C MET A 282 -3.42 28.00 4.49
N SER A 283 -4.49 28.13 5.28
CA SER A 283 -5.33 26.97 5.59
C SER A 283 -5.94 26.37 4.34
N TYR A 284 -6.35 27.22 3.40
CA TYR A 284 -6.97 26.73 2.19
C TYR A 284 -5.99 25.91 1.38
N ALA A 285 -4.75 26.40 1.30
CA ALA A 285 -3.71 25.71 0.53
C ALA A 285 -3.30 24.39 1.20
N ILE A 286 -3.23 24.42 2.53
CA ILE A 286 -2.90 23.19 3.27
C ILE A 286 -4.00 22.17 3.06
N CYS A 287 -5.26 22.62 3.14
CA CYS A 287 -6.36 21.71 2.83
C CYS A 287 -6.26 21.16 1.40
N HIS A 288 -5.89 22.00 0.44
CA HIS A 288 -5.73 21.55 -0.92
C HIS A 288 -4.79 20.36 -0.97
N THR A 289 -3.67 20.43 -0.24
CA THR A 289 -2.70 19.34 -0.29
C THR A 289 -3.28 18.05 0.30
N LEU A 290 -4.22 18.18 1.23
CA LEU A 290 -4.91 17.03 1.81
C LEU A 290 -6.06 16.51 0.94
N GLY A 291 -6.23 17.11 -0.22
CA GLY A 291 -7.29 16.72 -1.13
C GLY A 291 -8.65 17.25 -0.75
N VAL A 292 -8.66 18.22 0.17
CA VAL A 292 -9.89 18.91 0.54
C VAL A 292 -10.02 20.14 -0.34
N ARG A 293 -10.90 20.04 -1.34
CA ARG A 293 -11.00 21.03 -2.41
C ARG A 293 -12.48 21.31 -2.71
N PRO A 294 -12.76 22.45 -3.35
CA PRO A 294 -14.16 22.80 -3.65
C PRO A 294 -14.78 21.81 -4.63
N GLN B 22 10.34 -21.36 10.20
CA GLN B 22 10.12 -20.42 11.31
C GLN B 22 8.79 -19.70 11.12
N ILE B 23 8.19 -19.85 9.95
CA ILE B 23 6.96 -19.15 9.62
C ILE B 23 5.76 -20.09 9.76
N ASN B 24 4.75 -19.63 10.50
CA ASN B 24 3.49 -20.37 10.65
C ASN B 24 2.45 -19.80 9.71
N VAL B 25 1.63 -20.67 9.14
CA VAL B 25 0.53 -20.21 8.27
C VAL B 25 -0.80 -20.83 8.68
N SER B 26 -1.88 -20.14 8.36
CA SER B 26 -3.23 -20.69 8.51
C SER B 26 -4.02 -20.34 7.26
N PHE B 27 -5.07 -21.11 6.99
CA PHE B 27 -5.86 -20.92 5.79
C PHE B 27 -7.32 -20.80 6.17
N GLN B 28 -8.00 -19.86 5.56
CA GLN B 28 -9.41 -19.64 5.80
C GLN B 28 -10.25 -20.08 4.62
N PHE B 29 -11.30 -20.86 4.87
CA PHE B 29 -12.20 -21.34 3.83
C PHE B 29 -13.61 -20.86 4.12
N PHE B 30 -14.50 -21.02 3.17
CA PHE B 30 -15.93 -20.76 3.41
C PHE B 30 -16.80 -21.95 3.00
N PRO B 31 -17.99 -22.08 3.59
CA PRO B 31 -18.82 -23.24 3.25
C PRO B 31 -19.31 -23.18 1.81
N PRO B 32 -19.04 -24.22 1.01
CA PRO B 32 -19.51 -24.24 -0.38
C PRO B 32 -21.03 -24.22 -0.46
N ARG B 33 -21.57 -23.47 -1.42
CA ARG B 33 -23.03 -23.44 -1.61
C ARG B 33 -23.47 -24.19 -2.86
N THR B 34 -22.51 -24.67 -3.64
CA THR B 34 -22.81 -25.45 -4.84
C THR B 34 -21.94 -26.68 -4.86
N SER B 35 -22.40 -27.69 -5.62
CA SER B 35 -21.64 -28.90 -5.86
C SER B 35 -20.26 -28.59 -6.43
N GLU B 36 -20.21 -27.69 -7.40
CA GLU B 36 -18.94 -27.29 -8.00
C GLU B 36 -17.97 -26.72 -6.96
N MET B 37 -18.44 -25.80 -6.13
CA MET B 37 -17.56 -25.22 -5.12
C MET B 37 -17.17 -26.25 -4.07
N GLU B 38 -18.04 -27.22 -3.82
CA GLU B 38 -17.75 -28.25 -2.83
C GLU B 38 -16.53 -29.05 -3.28
N GLN B 39 -16.51 -29.37 -4.57
CA GLN B 39 -15.40 -30.12 -5.17
CA GLN B 39 -15.40 -30.12 -5.14
C GLN B 39 -14.11 -29.31 -5.08
N THR B 40 -14.21 -28.02 -5.44
CA THR B 40 -13.05 -27.13 -5.36
C THR B 40 -12.48 -27.06 -3.96
N LEU B 41 -13.35 -26.88 -2.97
CA LEU B 41 -12.87 -26.77 -1.61
C LEU B 41 -12.08 -28.00 -1.17
N TRP B 42 -12.63 -29.19 -1.40
CA TRP B 42 -11.91 -30.38 -0.92
C TRP B 42 -10.59 -30.58 -1.64
N ASN B 43 -10.53 -30.20 -2.92
CA ASN B 43 -9.26 -30.20 -3.63
C ASN B 43 -8.27 -29.27 -2.97
N SER B 44 -8.75 -28.08 -2.60
CA SER B 44 -7.89 -27.09 -1.97
C SER B 44 -7.43 -27.53 -0.58
N ILE B 45 -8.32 -28.17 0.16
CA ILE B 45 -7.96 -28.64 1.49
CA ILE B 45 -7.99 -28.68 1.49
C ILE B 45 -6.84 -29.68 1.41
N ASP B 46 -6.94 -30.61 0.46
CA ASP B 46 -5.90 -31.64 0.33
C ASP B 46 -4.57 -31.00 -0.04
N ARG B 47 -4.62 -30.05 -0.96
CA ARG B 47 -3.43 -29.36 -1.43
C ARG B 47 -2.78 -28.58 -0.29
N LEU B 48 -3.57 -27.80 0.43
CA LEU B 48 -3.02 -26.93 1.45
C LEU B 48 -2.66 -27.65 2.76
N SER B 49 -3.38 -28.74 3.06
CA SER B 49 -3.08 -29.50 4.27
C SER B 49 -1.65 -30.04 4.24
N SER B 50 -1.12 -30.26 3.05
CA SER B 50 0.25 -30.77 2.93
C SER B 50 1.29 -29.78 3.45
N LEU B 51 0.89 -28.52 3.62
CA LEU B 51 1.81 -27.50 4.11
C LEU B 51 1.84 -27.43 5.65
N LYS B 52 1.06 -28.29 6.30
CA LYS B 52 1.00 -28.34 7.76
C LYS B 52 0.71 -26.99 8.42
N PRO B 53 -0.42 -26.37 8.04
CA PRO B 53 -0.78 -25.10 8.67
C PRO B 53 -1.01 -25.30 10.16
N LYS B 54 -0.76 -24.26 10.95
CA LYS B 54 -0.99 -24.32 12.39
C LYS B 54 -2.46 -24.57 12.68
N PHE B 55 -3.32 -23.95 11.88
CA PHE B 55 -4.75 -24.20 11.94
C PHE B 55 -5.37 -23.76 10.62
N VAL B 56 -6.61 -24.17 10.41
CA VAL B 56 -7.40 -23.62 9.31
C VAL B 56 -8.70 -23.15 9.94
N SER B 57 -9.44 -22.33 9.22
CA SER B 57 -10.67 -21.82 9.81
C SER B 57 -11.75 -21.78 8.73
N VAL B 58 -13.00 -21.73 9.15
CA VAL B 58 -14.12 -21.72 8.21
C VAL B 58 -15.11 -20.65 8.61
N THR B 59 -15.43 -19.80 7.65
CA THR B 59 -16.30 -18.66 7.92
C THR B 59 -17.76 -19.05 8.12
N TYR B 60 -18.52 -18.08 8.65
CA TYR B 60 -19.94 -18.23 8.90
C TYR B 60 -20.69 -17.15 8.14
N GLY B 61 -21.79 -17.54 7.50
CA GLY B 61 -22.70 -16.60 6.87
C GLY B 61 -24.11 -16.87 7.35
N ALA B 62 -24.71 -15.90 8.04
CA ALA B 62 -26.05 -16.08 8.58
C ALA B 62 -27.06 -16.47 7.50
N ASN B 63 -26.91 -15.90 6.31
CA ASN B 63 -27.82 -16.16 5.20
C ASN B 63 -27.15 -16.87 4.05
N SER B 64 -25.99 -17.45 4.30
CA SER B 64 -25.23 -18.07 3.23
C SER B 64 -24.69 -19.42 3.68
N GLY B 65 -25.45 -20.12 4.52
CA GLY B 65 -25.05 -21.46 4.93
C GLY B 65 -25.36 -21.80 6.37
N GLU B 66 -25.36 -20.79 7.23
CA GLU B 66 -25.66 -20.94 8.68
C GLU B 66 -24.58 -21.69 9.44
N ARG B 67 -24.81 -21.84 10.74
CA ARG B 67 -23.84 -22.52 11.62
C ARG B 67 -23.65 -23.98 11.24
N ASP B 68 -24.73 -24.65 10.83
CA ASP B 68 -24.63 -26.07 10.52
C ASP B 68 -23.66 -26.33 9.36
N ARG B 69 -23.70 -25.49 8.33
CA ARG B 69 -22.76 -25.66 7.22
C ARG B 69 -21.30 -25.38 7.62
N THR B 70 -21.10 -24.33 8.39
CA THR B 70 -19.77 -24.04 8.92
C THR B 70 -19.27 -25.24 9.72
N HIS B 71 -20.12 -25.75 10.60
CA HIS B 71 -19.70 -26.87 11.43
C HIS B 71 -19.43 -28.12 10.61
N SER B 72 -20.27 -28.39 9.61
CA SER B 72 -20.07 -29.58 8.77
CA SER B 72 -20.07 -29.58 8.78
C SER B 72 -18.69 -29.57 8.12
N ILE B 73 -18.31 -28.41 7.59
CA ILE B 73 -17.00 -28.30 6.93
C ILE B 73 -15.87 -28.45 7.94
N ILE B 74 -16.01 -27.82 9.11
CA ILE B 74 -15.02 -27.99 10.17
C ILE B 74 -14.85 -29.47 10.51
N LYS B 75 -15.95 -30.17 10.72
CA LYS B 75 -15.87 -31.60 11.06
C LYS B 75 -15.22 -32.38 9.94
N GLY B 76 -15.59 -32.09 8.71
CA GLY B 76 -15.01 -32.77 7.57
C GLY B 76 -13.51 -32.58 7.47
N ILE B 77 -13.06 -31.35 7.70
CA ILE B 77 -11.62 -31.05 7.67
C ILE B 77 -10.90 -31.84 8.76
N LYS B 78 -11.46 -31.83 9.97
CA LYS B 78 -10.84 -32.55 11.08
C LYS B 78 -10.73 -34.03 10.73
N ASP B 79 -11.83 -34.61 10.27
CA ASP B 79 -11.87 -36.04 9.98
C ASP B 79 -10.89 -36.42 8.87
N ARG B 80 -10.82 -35.57 7.85
CA ARG B 80 -10.05 -35.89 6.65
C ARG B 80 -8.56 -35.66 6.83
N THR B 81 -8.19 -34.66 7.63
CA THR B 81 -6.80 -34.18 7.68
C THR B 81 -6.12 -34.20 9.05
N GLY B 82 -6.91 -34.26 10.12
CA GLY B 82 -6.38 -34.19 11.47
C GLY B 82 -5.92 -32.80 11.91
N LEU B 83 -6.12 -31.81 11.05
CA LEU B 83 -5.69 -30.45 11.35
C LEU B 83 -6.59 -29.81 12.40
N GLU B 84 -6.03 -28.83 13.12
CA GLU B 84 -6.86 -28.00 13.97
C GLU B 84 -7.72 -27.12 13.09
N ALA B 85 -9.04 -27.18 13.27
CA ALA B 85 -9.96 -26.44 12.41
C ALA B 85 -10.87 -25.59 13.29
N ALA B 86 -10.82 -24.28 13.06
CA ALA B 86 -11.55 -23.34 13.91
C ALA B 86 -12.76 -22.75 13.21
N PRO B 87 -13.96 -23.00 13.75
CA PRO B 87 -15.13 -22.32 13.16
C PRO B 87 -15.10 -20.85 13.51
N HIS B 88 -15.60 -20.02 12.60
CA HIS B 88 -15.90 -18.63 12.94
C HIS B 88 -17.29 -18.63 13.55
N LEU B 89 -17.39 -18.14 14.79
CA LEU B 89 -18.65 -18.15 15.53
C LEU B 89 -19.01 -16.70 15.83
N THR B 90 -20.22 -16.30 15.48
CA THR B 90 -20.67 -14.93 15.67
C THR B 90 -21.73 -14.88 16.74
N CYS B 91 -22.08 -13.69 17.19
CA CYS B 91 -23.11 -13.65 18.23
C CYS B 91 -24.41 -12.96 17.83
N ILE B 92 -24.51 -12.57 16.57
CA ILE B 92 -25.74 -11.96 16.06
C ILE B 92 -26.90 -12.96 15.98
N ASP B 93 -28.05 -12.53 16.51
CA ASP B 93 -29.26 -13.34 16.54
C ASP B 93 -29.12 -14.62 17.36
N ALA B 94 -28.07 -14.70 18.17
CA ALA B 94 -27.90 -15.84 19.06
C ALA B 94 -28.03 -15.39 20.52
N THR B 95 -28.68 -16.20 21.34
CA THR B 95 -28.76 -15.85 22.76
C THR B 95 -27.54 -16.39 23.48
N PRO B 96 -27.19 -15.77 24.61
CA PRO B 96 -26.06 -16.31 25.38
C PRO B 96 -26.23 -17.78 25.72
N ASP B 97 -27.42 -18.23 26.10
CA ASP B 97 -27.61 -19.65 26.39
C ASP B 97 -27.38 -20.53 25.16
N GLU B 98 -27.81 -20.08 23.99
CA GLU B 98 -27.55 -20.84 22.76
C GLU B 98 -26.05 -20.96 22.55
N LEU B 99 -25.34 -19.83 22.71
CA LEU B 99 -23.91 -19.81 22.44
C LEU B 99 -23.17 -20.73 23.40
N ARG B 100 -23.60 -20.77 24.66
CA ARG B 100 -22.96 -21.64 25.64
CA ARG B 100 -22.96 -21.65 25.64
C ARG B 100 -23.18 -23.11 25.26
N THR B 101 -24.41 -23.44 24.86
CA THR B 101 -24.71 -24.82 24.44
C THR B 101 -23.90 -25.21 23.21
N ILE B 102 -23.83 -24.31 22.23
CA ILE B 102 -23.06 -24.57 21.03
C ILE B 102 -21.57 -24.77 21.34
N ALA B 103 -21.02 -23.89 22.17
CA ALA B 103 -19.60 -23.97 22.52
C ALA B 103 -19.28 -25.27 23.27
N ARG B 104 -20.17 -25.67 24.18
CA ARG B 104 -19.97 -26.90 24.92
C ARG B 104 -19.92 -28.07 23.96
N ASP B 105 -20.81 -28.05 22.99
CA ASP B 105 -20.88 -29.13 22.00
C ASP B 105 -19.59 -29.17 21.19
N TYR B 106 -19.13 -28.00 20.77
CA TYR B 106 -17.91 -27.95 19.98
C TYR B 106 -16.74 -28.51 20.77
N TRP B 107 -16.59 -28.06 22.01
CA TRP B 107 -15.50 -28.51 22.87
C TRP B 107 -15.53 -30.02 23.05
N ASN B 108 -16.71 -30.55 23.36
CA ASN B 108 -16.87 -31.98 23.53
C ASN B 108 -16.59 -32.76 22.24
N ASN B 109 -16.68 -32.08 21.10
CA ASN B 109 -16.41 -32.71 19.80
C ASN B 109 -14.98 -32.47 19.32
N GLY B 110 -14.14 -31.94 20.19
CA GLY B 110 -12.74 -31.76 19.90
C GLY B 110 -12.37 -30.48 19.17
N ILE B 111 -13.33 -29.57 19.05
CA ILE B 111 -13.07 -28.25 18.46
C ILE B 111 -12.61 -27.33 19.58
N ARG B 112 -11.32 -27.00 19.58
CA ARG B 112 -10.75 -26.30 20.72
C ARG B 112 -10.24 -24.89 20.41
N HIS B 113 -10.47 -24.43 19.18
CA HIS B 113 -10.07 -23.09 18.72
C HIS B 113 -11.29 -22.51 18.02
N ILE B 114 -11.70 -21.32 18.43
CA ILE B 114 -12.82 -20.64 17.79
C ILE B 114 -12.36 -19.25 17.40
N VAL B 115 -12.77 -18.80 16.22
CA VAL B 115 -12.57 -17.41 15.83
C VAL B 115 -13.84 -16.69 16.27
N ALA B 116 -13.72 -15.87 17.31
CA ALA B 116 -14.88 -15.25 17.98
C ALA B 116 -15.16 -13.88 17.38
N LEU B 117 -16.34 -13.74 16.79
CA LEU B 117 -16.70 -12.53 16.06
C LEU B 117 -18.06 -11.99 16.49
N ARG B 118 -18.29 -10.71 16.24
CA ARG B 118 -19.61 -10.13 16.46
C ARG B 118 -20.51 -10.55 15.32
N GLY B 119 -20.02 -10.39 14.08
CA GLY B 119 -20.73 -10.83 12.91
C GLY B 119 -21.18 -9.73 11.98
N ASP B 120 -21.12 -10.01 10.68
CA ASP B 120 -21.72 -9.14 9.66
C ASP B 120 -23.24 -9.20 9.82
N LEU B 121 -23.85 -8.06 10.15
CA LEU B 121 -25.30 -8.01 10.34
C LEU B 121 -26.03 -8.35 9.04
N GLU B 129 -26.60 -5.53 20.73
CA GLU B 129 -26.59 -6.55 21.78
C GLU B 129 -25.15 -6.83 22.25
N MET B 130 -24.71 -8.07 22.07
CA MET B 130 -23.34 -8.45 22.42
C MET B 130 -22.35 -7.88 21.42
N TYR B 131 -21.15 -7.55 21.91
CA TYR B 131 -20.02 -7.26 21.04
C TYR B 131 -19.10 -8.46 21.08
N ALA B 132 -18.08 -8.50 20.23
CA ALA B 132 -17.24 -9.69 20.22
C ALA B 132 -16.58 -9.94 21.57
N SER B 133 -16.23 -8.88 22.28
CA SER B 133 -15.59 -9.07 23.58
C SER B 133 -16.51 -9.85 24.51
N ASP B 134 -17.81 -9.66 24.36
CA ASP B 134 -18.76 -10.39 25.21
C ASP B 134 -18.74 -11.87 24.88
N LEU B 135 -18.56 -12.18 23.59
CA LEU B 135 -18.48 -13.58 23.17
C LEU B 135 -17.20 -14.21 23.67
N VAL B 136 -16.08 -13.49 23.64
CA VAL B 136 -14.82 -14.02 24.15
C VAL B 136 -15.01 -14.43 25.61
N THR B 137 -15.58 -13.52 26.39
CA THR B 137 -15.82 -13.80 27.82
C THR B 137 -16.71 -15.03 27.99
N LEU B 138 -17.76 -15.12 27.19
CA LEU B 138 -18.70 -16.23 27.29
C LEU B 138 -18.01 -17.55 26.98
N LEU B 139 -17.17 -17.55 25.94
CA LEU B 139 -16.51 -18.76 25.54
C LEU B 139 -15.51 -19.24 26.60
N LYS B 140 -14.76 -18.32 27.17
CA LYS B 140 -13.75 -18.68 28.20
C LYS B 140 -14.43 -19.20 29.46
N GLU B 141 -15.65 -18.75 29.71
CA GLU B 141 -16.43 -19.31 30.82
C GLU B 141 -16.77 -20.77 30.58
N VAL B 142 -17.01 -21.13 29.33
CA VAL B 142 -17.37 -22.50 28.98
C VAL B 142 -16.18 -23.45 29.08
N ALA B 143 -15.08 -23.07 28.45
CA ALA B 143 -13.89 -23.92 28.41
C ALA B 143 -12.67 -23.10 28.02
N ASP B 144 -11.49 -23.68 28.21
CA ASP B 144 -10.24 -23.01 27.91
C ASP B 144 -9.94 -23.01 26.40
N PHE B 145 -10.83 -22.40 25.63
CA PHE B 145 -10.64 -22.35 24.19
C PHE B 145 -9.45 -21.49 23.78
N ASP B 146 -8.82 -21.90 22.70
CA ASP B 146 -7.94 -21.03 21.94
CA ASP B 146 -7.95 -21.01 21.94
C ASP B 146 -8.91 -20.08 21.23
N ILE B 147 -8.70 -18.77 21.36
CA ILE B 147 -9.62 -17.83 20.73
C ILE B 147 -8.89 -16.82 19.86
N SER B 148 -9.36 -16.65 18.64
CA SER B 148 -8.80 -15.64 17.74
C SER B 148 -9.85 -14.57 17.51
N VAL B 149 -9.44 -13.32 17.42
CA VAL B 149 -10.40 -12.24 17.20
C VAL B 149 -9.94 -11.34 16.07
N ALA B 150 -10.88 -10.57 15.54
CA ALA B 150 -10.63 -9.70 14.39
C ALA B 150 -9.99 -8.37 14.79
N ALA B 151 -9.01 -7.94 13.98
CA ALA B 151 -8.36 -6.63 14.17
C ALA B 151 -8.43 -5.87 12.85
N TYR B 152 -8.41 -4.54 12.93
CA TYR B 152 -8.63 -3.70 11.74
C TYR B 152 -7.56 -2.61 11.60
N PRO B 153 -6.50 -2.86 10.82
CA PRO B 153 -5.44 -1.86 10.68
C PRO B 153 -5.97 -0.53 10.15
N GLU B 154 -7.05 -0.55 9.39
CA GLU B 154 -7.60 0.69 8.84
C GLU B 154 -8.93 1.07 9.48
N VAL B 155 -9.17 0.49 10.66
CA VAL B 155 -10.29 0.82 11.54
C VAL B 155 -11.61 0.20 11.08
N HIS B 156 -12.29 -0.48 12.00
CA HIS B 156 -13.60 -1.03 11.70
C HIS B 156 -14.54 0.09 11.27
N PRO B 157 -15.31 -0.14 10.19
CA PRO B 157 -16.13 0.94 9.61
C PRO B 157 -17.08 1.61 10.61
N GLU B 158 -17.51 0.89 11.64
CA GLU B 158 -18.49 1.43 12.59
C GLU B 158 -17.88 2.03 13.86
N ALA B 159 -16.56 1.96 14.02
CA ALA B 159 -15.93 2.46 15.23
C ALA B 159 -16.13 3.96 15.36
N LYS B 160 -16.29 4.47 16.58
CA LYS B 160 -16.44 5.90 16.72
C LYS B 160 -15.11 6.64 16.52
N SER B 161 -14.00 5.91 16.63
CA SER B 161 -12.68 6.49 16.35
C SER B 161 -11.63 5.38 16.26
N ALA B 162 -10.46 5.71 15.71
CA ALA B 162 -9.39 4.73 15.68
C ALA B 162 -8.98 4.37 17.10
N GLN B 163 -9.03 5.36 18.01
CA GLN B 163 -8.67 5.11 19.41
C GLN B 163 -9.64 4.10 20.02
N ALA B 164 -10.94 4.31 19.77
CA ALA B 164 -11.95 3.42 20.32
C ALA B 164 -11.80 2.01 19.79
N ASP B 165 -11.43 1.88 18.51
CA ASP B 165 -11.34 0.55 17.92
C ASP B 165 -10.14 -0.21 18.51
N LEU B 166 -9.05 0.52 18.76
CA LEU B 166 -7.87 -0.08 19.36
C LEU B 166 -8.17 -0.50 20.80
N LEU B 167 -8.86 0.35 21.56
CA LEU B 167 -9.27 -0.03 22.91
C LEU B 167 -10.20 -1.24 22.92
N ASN B 168 -11.05 -1.36 21.90
CA ASN B 168 -11.87 -2.55 21.77
C ASN B 168 -11.04 -3.81 21.54
N LEU B 169 -10.03 -3.73 20.68
CA LEU B 169 -9.19 -4.91 20.45
C LEU B 169 -8.54 -5.32 21.76
N LYS B 170 -8.05 -4.34 22.51
CA LYS B 170 -7.46 -4.64 23.81
CA LYS B 170 -7.47 -4.60 23.83
C LYS B 170 -8.47 -5.27 24.77
N ARG B 171 -9.72 -4.82 24.72
CA ARG B 171 -10.78 -5.45 25.53
C ARG B 171 -10.93 -6.92 25.16
N LYS B 172 -10.89 -7.20 23.86
CA LYS B 172 -11.05 -8.58 23.40
C LYS B 172 -9.89 -9.46 23.85
N VAL B 173 -8.68 -8.91 23.76
CA VAL B 173 -7.49 -9.63 24.21
C VAL B 173 -7.51 -9.84 25.72
N ASP B 174 -7.84 -8.80 26.46
CA ASP B 174 -7.93 -8.92 27.91
C ASP B 174 -9.00 -9.91 28.35
N ALA B 175 -10.05 -10.08 27.55
CA ALA B 175 -11.12 -11.03 27.88
C ALA B 175 -10.69 -12.47 27.63
N GLY B 176 -9.58 -12.64 26.92
CA GLY B 176 -9.01 -13.96 26.72
C GLY B 176 -8.56 -14.36 25.33
N ALA B 177 -8.69 -13.47 24.35
CA ALA B 177 -8.24 -13.83 23.01
C ALA B 177 -6.74 -14.00 23.00
N ASN B 178 -6.23 -15.03 22.35
CA ASN B 178 -4.77 -15.15 22.36
C ASN B 178 -4.11 -14.89 21.01
N ARG B 179 -4.90 -14.36 20.09
CA ARG B 179 -4.48 -14.12 18.73
C ARG B 179 -5.39 -13.06 18.13
N ALA B 180 -4.82 -12.09 17.40
CA ALA B 180 -5.65 -11.22 16.55
C ALA B 180 -5.32 -11.53 15.11
N ILE B 181 -6.34 -11.56 14.26
CA ILE B 181 -6.15 -11.75 12.83
C ILE B 181 -6.69 -10.51 12.12
N THR B 182 -5.88 -9.87 11.28
CA THR B 182 -6.33 -8.62 10.66
C THR B 182 -7.19 -8.84 9.45
N GLN B 183 -8.08 -7.89 9.25
CA GLN B 183 -8.71 -7.65 7.96
C GLN B 183 -7.59 -7.55 6.92
N PHE B 184 -7.87 -7.91 5.68
CA PHE B 184 -6.83 -7.77 4.67
C PHE B 184 -6.50 -6.30 4.45
N PHE B 185 -5.32 -6.06 3.86
CA PHE B 185 -4.87 -4.70 3.55
C PHE B 185 -3.97 -4.79 2.34
N PHE B 186 -3.76 -3.66 1.64
CA PHE B 186 -2.83 -3.61 0.52
C PHE B 186 -1.82 -2.51 0.69
N ASP B 187 -2.04 -1.67 1.68
CA ASP B 187 -1.06 -0.69 2.13
C ASP B 187 -0.29 -1.34 3.28
N VAL B 188 0.89 -1.89 2.98
CA VAL B 188 1.63 -2.60 4.01
C VAL B 188 1.98 -1.74 5.23
N GLU B 189 2.31 -0.47 5.01
CA GLU B 189 2.62 0.44 6.12
C GLU B 189 1.45 0.54 7.10
N SER B 190 0.23 0.48 6.58
CA SER B 190 -0.95 0.54 7.45
CA SER B 190 -0.93 0.54 7.46
C SER B 190 -0.91 -0.59 8.48
N TYR B 191 -0.53 -1.79 8.03
CA TYR B 191 -0.41 -2.88 8.98
C TYR B 191 0.73 -2.65 9.97
N LEU B 192 1.88 -2.20 9.46
CA LEU B 192 3.03 -2.01 10.31
C LEU B 192 2.77 -0.95 11.39
N ARG B 193 2.16 0.16 10.99
CA ARG B 193 1.85 1.21 11.95
C ARG B 193 0.84 0.70 12.97
N PHE B 194 -0.13 -0.09 12.50
CA PHE B 194 -1.15 -0.64 13.40
C PHE B 194 -0.52 -1.56 14.44
N ARG B 195 0.35 -2.45 13.99
CA ARG B 195 1.06 -3.35 14.90
C ARG B 195 1.80 -2.55 15.97
N ASP B 196 2.48 -1.47 15.58
CA ASP B 196 3.16 -0.60 16.54
C ASP B 196 2.19 -0.01 17.58
N ARG B 197 1.02 0.44 17.12
CA ARG B 197 0.02 0.99 18.05
C ARG B 197 -0.48 -0.08 19.00
N CYS B 198 -0.63 -1.30 18.50
CA CYS B 198 -1.07 -2.40 19.36
C CYS B 198 -0.05 -2.62 20.47
N VAL B 199 1.23 -2.66 20.12
CA VAL B 199 2.27 -2.87 21.13
C VAL B 199 2.29 -1.74 22.13
N SER B 200 2.15 -0.51 21.65
CA SER B 200 2.12 0.66 22.53
CA SER B 200 2.12 0.66 22.54
C SER B 200 0.96 0.58 23.51
N ALA B 201 -0.16 0.00 23.05
CA ALA B 201 -1.35 -0.11 23.88
C ALA B 201 -1.27 -1.28 24.85
N GLY B 202 -0.15 -2.01 24.83
CA GLY B 202 0.03 -3.14 25.71
C GLY B 202 -0.68 -4.40 25.26
N ILE B 203 -1.01 -4.47 23.97
CA ILE B 203 -1.62 -5.67 23.42
C ILE B 203 -0.49 -6.60 23.03
N ASP B 204 -0.31 -7.68 23.79
CA ASP B 204 0.91 -8.47 23.68
C ASP B 204 0.78 -9.74 22.84
N VAL B 205 -0.40 -9.99 22.29
CA VAL B 205 -0.59 -11.16 21.45
C VAL B 205 -0.14 -10.88 20.02
N GLU B 206 0.02 -11.94 19.22
CA GLU B 206 0.45 -11.74 17.85
C GLU B 206 -0.65 -11.05 17.07
N ILE B 207 -0.27 -10.07 16.25
CA ILE B 207 -1.21 -9.45 15.33
C ILE B 207 -0.93 -10.06 13.97
N ILE B 208 -1.70 -11.08 13.61
CA ILE B 208 -1.40 -11.86 12.42
C ILE B 208 -2.05 -11.24 11.19
N PRO B 209 -1.23 -10.87 10.19
CA PRO B 209 -1.86 -10.28 8.99
C PRO B 209 -2.70 -11.30 8.23
N GLY B 210 -3.93 -10.89 7.90
CA GLY B 210 -4.77 -11.63 6.97
C GLY B 210 -4.39 -11.19 5.56
N ILE B 211 -4.03 -12.16 4.72
CA ILE B 211 -3.57 -11.88 3.37
C ILE B 211 -4.63 -12.29 2.36
N LEU B 212 -5.04 -11.36 1.50
CA LEU B 212 -5.97 -11.68 0.42
C LEU B 212 -5.23 -11.70 -0.92
N PRO B 213 -4.87 -12.89 -1.41
CA PRO B 213 -4.29 -12.99 -2.76
C PRO B 213 -5.38 -12.65 -3.75
N VAL B 214 -5.10 -11.72 -4.66
CA VAL B 214 -6.12 -11.23 -5.56
C VAL B 214 -5.97 -11.82 -6.97
N SER B 215 -6.95 -12.58 -7.42
CA SER B 215 -6.97 -13.01 -8.82
C SER B 215 -8.17 -12.41 -9.54
N ASN B 216 -9.18 -11.99 -8.77
CA ASN B 216 -10.31 -11.25 -9.32
C ASN B 216 -10.40 -9.90 -8.65
N PHE B 217 -9.95 -8.86 -9.35
CA PHE B 217 -9.86 -7.53 -8.76
C PHE B 217 -11.22 -6.88 -8.57
N LYS B 218 -12.10 -7.04 -9.56
CA LYS B 218 -13.45 -6.50 -9.42
C LYS B 218 -14.08 -6.97 -8.10
N GLN B 219 -13.93 -8.25 -7.79
CA GLN B 219 -14.48 -8.79 -6.55
C GLN B 219 -13.73 -8.26 -5.32
N ALA B 220 -12.40 -8.18 -5.40
CA ALA B 220 -11.61 -7.67 -4.29
C ALA B 220 -11.92 -6.21 -4.00
N LYS B 221 -12.05 -5.41 -5.06
CA LYS B 221 -12.31 -3.99 -4.93
C LYS B 221 -13.63 -3.75 -4.20
N LYS B 222 -14.62 -4.58 -4.51
CA LYS B 222 -15.90 -4.50 -3.83
C LYS B 222 -15.73 -4.79 -2.34
N LEU B 223 -15.01 -5.86 -2.02
CA LEU B 223 -14.79 -6.22 -0.62
C LEU B 223 -14.05 -5.09 0.11
N ALA B 224 -13.05 -4.50 -0.55
CA ALA B 224 -12.25 -3.47 0.08
C ALA B 224 -13.02 -2.17 0.29
N ASP B 225 -13.79 -1.79 -0.72
CA ASP B 225 -14.57 -0.56 -0.61
C ASP B 225 -15.54 -0.62 0.56
N MET B 226 -16.10 -1.80 0.81
CA MET B 226 -17.08 -1.99 1.89
C MET B 226 -16.45 -1.96 3.29
N THR B 227 -15.14 -2.10 3.35
CA THR B 227 -14.45 -2.22 4.63
C THR B 227 -13.42 -1.11 4.84
N ASN B 228 -13.45 -0.10 3.98
CA ASN B 228 -12.53 1.03 4.09
C ASN B 228 -11.06 0.64 3.98
N VAL B 229 -10.80 -0.46 3.27
CA VAL B 229 -9.43 -0.92 3.03
C VAL B 229 -8.89 -0.22 1.80
N ARG B 230 -7.77 0.49 1.96
CA ARG B 230 -7.24 1.28 0.85
C ARG B 230 -6.60 0.39 -0.24
N ILE B 231 -6.96 0.66 -1.49
CA ILE B 231 -6.27 0.06 -2.62
CA ILE B 231 -6.29 0.07 -2.64
C ILE B 231 -5.35 1.11 -3.21
N PRO B 232 -4.03 0.88 -3.09
CA PRO B 232 -3.10 1.89 -3.63
C PRO B 232 -3.34 2.14 -5.12
N ALA B 233 -3.04 3.35 -5.58
CA ALA B 233 -3.22 3.64 -7.00
C ALA B 233 -2.43 2.68 -7.87
N TRP B 234 -1.24 2.29 -7.43
CA TRP B 234 -0.41 1.45 -8.30
C TRP B 234 -1.07 0.09 -8.47
N MET B 235 -1.82 -0.34 -7.47
CA MET B 235 -2.50 -1.63 -7.53
C MET B 235 -3.72 -1.58 -8.44
N ALA B 236 -4.55 -0.55 -8.31
CA ALA B 236 -5.67 -0.38 -9.22
C ALA B 236 -5.20 -0.33 -10.68
N GLN B 237 -4.10 0.38 -10.92
CA GLN B 237 -3.55 0.52 -12.26
C GLN B 237 -3.03 -0.84 -12.76
N MET B 238 -2.51 -1.64 -11.85
CA MET B 238 -2.00 -2.96 -12.20
C MET B 238 -3.09 -3.90 -12.71
N PHE B 239 -4.33 -3.70 -12.24
CA PHE B 239 -5.42 -4.57 -12.67
C PHE B 239 -6.25 -3.95 -13.77
N ASP B 240 -5.97 -2.69 -14.10
CA ASP B 240 -6.73 -2.02 -15.14
C ASP B 240 -6.55 -2.75 -16.46
N GLY B 241 -7.66 -3.01 -17.14
CA GLY B 241 -7.60 -3.62 -18.46
C GLY B 241 -7.57 -5.14 -18.49
N LEU B 242 -7.66 -5.76 -17.31
CA LEU B 242 -7.56 -7.21 -17.20
C LEU B 242 -8.89 -7.90 -16.86
N ASP B 243 -10.00 -7.18 -17.01
CA ASP B 243 -11.30 -7.74 -16.66
C ASP B 243 -11.55 -9.11 -17.29
N ASP B 244 -11.06 -9.29 -18.52
CA ASP B 244 -11.30 -10.53 -19.24
C ASP B 244 -10.02 -11.35 -19.44
N ASP B 245 -9.03 -11.15 -18.58
CA ASP B 245 -7.75 -11.86 -18.71
C ASP B 245 -7.37 -12.53 -17.39
N ALA B 246 -7.96 -13.69 -17.12
CA ALA B 246 -7.76 -14.35 -15.84
C ALA B 246 -6.31 -14.75 -15.60
N GLU B 247 -5.64 -15.15 -16.68
CA GLU B 247 -4.25 -15.61 -16.57
C GLU B 247 -3.32 -14.48 -16.12
N THR B 248 -3.44 -13.31 -16.74
CA THR B 248 -2.58 -12.20 -16.35
C THR B 248 -2.93 -11.75 -14.94
N ARG B 249 -4.22 -11.75 -14.60
CA ARG B 249 -4.61 -11.37 -13.25
C ARG B 249 -3.96 -12.27 -12.20
N LYS B 250 -3.90 -13.56 -12.49
CA LYS B 250 -3.31 -14.49 -11.55
C LYS B 250 -1.84 -14.19 -11.32
N LEU B 251 -1.12 -13.93 -12.41
CA LEU B 251 0.32 -13.69 -12.32
C LEU B 251 0.61 -12.38 -11.62
N VAL B 252 -0.15 -11.34 -11.95
CA VAL B 252 0.00 -10.03 -11.31
CA VAL B 252 0.07 -10.04 -11.29
C VAL B 252 -0.37 -10.07 -9.83
N GLY B 253 -1.46 -10.77 -9.52
CA GLY B 253 -1.92 -10.92 -8.16
C GLY B 253 -0.93 -11.70 -7.32
N ALA B 254 -0.35 -12.74 -7.91
CA ALA B 254 0.64 -13.54 -7.18
C ALA B 254 1.88 -12.70 -6.86
N ASN B 255 2.30 -11.89 -7.83
CA ASN B 255 3.43 -10.98 -7.63
C ASN B 255 3.18 -10.03 -6.46
N ILE B 256 2.00 -9.42 -6.45
CA ILE B 256 1.63 -8.51 -5.36
C ILE B 256 1.70 -9.20 -4.00
N ALA B 257 1.12 -10.39 -3.91
CA ALA B 257 1.04 -11.10 -2.63
C ALA B 257 2.41 -11.58 -2.17
N MET B 258 3.21 -12.07 -3.12
CA MET B 258 4.55 -12.52 -2.78
C MET B 258 5.41 -11.36 -2.29
N ASP B 259 5.25 -10.21 -2.93
CA ASP B 259 5.97 -9.02 -2.51
C ASP B 259 5.58 -8.62 -1.09
N MET B 260 4.27 -8.61 -0.81
CA MET B 260 3.77 -8.23 0.50
C MET B 260 4.33 -9.12 1.60
N VAL B 261 4.27 -10.43 1.40
CA VAL B 261 4.70 -11.33 2.46
C VAL B 261 6.20 -11.25 2.66
N LYS B 262 6.94 -11.00 1.58
CA LYS B 262 8.38 -10.81 1.69
C LYS B 262 8.72 -9.61 2.57
N ILE B 263 8.05 -8.48 2.34
CA ILE B 263 8.25 -7.30 3.16
C ILE B 263 7.84 -7.53 4.60
N LEU B 264 6.67 -8.14 4.79
CA LEU B 264 6.18 -8.40 6.14
C LEU B 264 7.13 -9.30 6.91
N SER B 265 7.65 -10.34 6.25
CA SER B 265 8.58 -11.27 6.89
CA SER B 265 8.57 -11.26 6.92
C SER B 265 9.86 -10.54 7.31
N ARG B 266 10.35 -9.68 6.44
CA ARG B 266 11.53 -8.89 6.75
C ARG B 266 11.30 -8.01 7.98
N GLU B 267 10.04 -7.59 8.17
CA GLU B 267 9.67 -6.75 9.32
C GLU B 267 9.24 -7.57 10.53
N GLY B 268 9.59 -8.85 10.54
CA GLY B 268 9.42 -9.67 11.73
C GLY B 268 8.12 -10.45 11.87
N VAL B 269 7.28 -10.40 10.84
CA VAL B 269 6.06 -11.19 10.86
C VAL B 269 6.39 -12.67 10.64
N LYS B 270 5.93 -13.53 11.54
CA LYS B 270 6.25 -14.95 11.49
C LYS B 270 4.98 -15.78 11.37
N ASP B 271 3.85 -15.10 11.19
CA ASP B 271 2.56 -15.78 11.08
C ASP B 271 1.73 -15.10 10.01
N PHE B 272 1.12 -15.90 9.15
CA PHE B 272 0.26 -15.37 8.08
C PHE B 272 -1.03 -16.15 8.01
N HIS B 273 -2.14 -15.45 7.78
CA HIS B 273 -3.46 -16.08 7.64
C HIS B 273 -3.98 -15.76 6.24
N PHE B 274 -4.22 -16.79 5.44
CA PHE B 274 -4.62 -16.59 4.04
C PHE B 274 -6.10 -16.69 3.77
N TYR B 275 -6.64 -15.64 3.16
CA TYR B 275 -8.01 -15.65 2.72
C TYR B 275 -8.07 -16.33 1.35
N THR B 276 -8.19 -17.65 1.35
CA THR B 276 -8.06 -18.45 0.14
C THR B 276 -9.26 -18.36 -0.79
N LEU B 277 -10.41 -17.96 -0.26
CA LEU B 277 -11.67 -18.06 -0.99
C LEU B 277 -11.81 -19.44 -1.66
N ASN B 278 -11.31 -20.45 -0.95
CA ASN B 278 -11.45 -21.87 -1.29
C ASN B 278 -10.59 -22.33 -2.45
N ARG B 279 -9.69 -21.45 -2.89
CA ARG B 279 -8.74 -21.79 -3.95
C ARG B 279 -7.35 -21.98 -3.36
N ALA B 280 -6.59 -22.95 -3.88
CA ALA B 280 -5.30 -23.27 -3.29
C ALA B 280 -4.09 -22.69 -4.02
N GLU B 281 -4.18 -22.54 -5.34
CA GLU B 281 -2.98 -22.27 -6.14
C GLU B 281 -2.16 -21.06 -5.68
N MET B 282 -2.81 -19.92 -5.50
CA MET B 282 -2.08 -18.71 -5.14
C MET B 282 -1.49 -18.80 -3.72
N SER B 283 -2.31 -19.17 -2.74
CA SER B 283 -1.83 -19.31 -1.39
C SER B 283 -0.71 -20.33 -1.28
N TYR B 284 -0.83 -21.44 -2.01
CA TYR B 284 0.20 -22.48 -1.95
C TYR B 284 1.53 -21.92 -2.41
N ALA B 285 1.49 -21.20 -3.53
CA ALA B 285 2.70 -20.65 -4.13
C ALA B 285 3.32 -19.58 -3.23
N ILE B 286 2.47 -18.72 -2.66
CA ILE B 286 2.95 -17.71 -1.75
C ILE B 286 3.65 -18.37 -0.57
N CYS B 287 3.01 -19.40 0.00
CA CYS B 287 3.64 -20.15 1.09
C CYS B 287 4.99 -20.71 0.64
N HIS B 288 5.03 -21.27 -0.58
CA HIS B 288 6.30 -21.77 -1.08
C HIS B 288 7.41 -20.70 -0.98
N THR B 289 7.10 -19.48 -1.38
CA THR B 289 8.09 -18.40 -1.35
C THR B 289 8.54 -18.03 0.08
N LEU B 290 7.68 -18.29 1.06
CA LEU B 290 8.03 -18.10 2.46
C LEU B 290 8.79 -19.30 3.05
N GLY B 291 9.02 -20.32 2.23
CA GLY B 291 9.74 -21.50 2.68
C GLY B 291 8.84 -22.53 3.33
N VAL B 292 7.54 -22.29 3.27
CA VAL B 292 6.55 -23.22 3.82
C VAL B 292 6.18 -24.25 2.77
N ARG B 293 6.72 -25.46 2.92
CA ARG B 293 6.64 -26.49 1.89
C ARG B 293 6.31 -27.85 2.48
N PRO B 294 5.85 -28.80 1.65
CA PRO B 294 5.47 -30.12 2.15
C PRO B 294 6.66 -30.89 2.73
N PHE C 3 9.74 1.86 8.63
CA PHE C 3 9.34 0.86 7.64
C PHE C 3 9.91 1.22 6.27
N PHE C 4 11.23 1.29 6.18
CA PHE C 4 11.89 1.68 4.93
C PHE C 4 11.54 0.75 3.78
N HIS C 5 11.57 -0.55 4.04
CA HIS C 5 11.30 -1.55 3.01
C HIS C 5 9.92 -1.37 2.40
N ALA C 6 8.93 -1.05 3.24
CA ALA C 6 7.55 -0.92 2.77
C ALA C 6 7.41 0.32 1.89
N SER C 7 7.92 1.44 2.40
CA SER C 7 7.89 2.71 1.69
C SER C 7 8.64 2.61 0.35
N GLN C 8 9.77 1.92 0.36
CA GLN C 8 10.57 1.76 -0.86
C GLN C 8 9.80 0.98 -1.92
N ARG C 9 9.07 -0.05 -1.49
CA ARG C 9 8.28 -0.86 -2.41
C ARG C 9 7.13 -0.05 -3.00
N ASP C 10 6.49 0.76 -2.17
CA ASP C 10 5.40 1.59 -2.66
C ASP C 10 5.93 2.57 -3.72
N ALA C 11 7.09 3.17 -3.45
CA ALA C 11 7.67 4.12 -4.40
C ALA C 11 8.04 3.42 -5.69
N LEU C 12 8.63 2.23 -5.57
CA LEU C 12 9.05 1.48 -6.74
C LEU C 12 7.83 1.06 -7.58
N ASN C 13 6.77 0.64 -6.90
CA ASN C 13 5.58 0.20 -7.62
C ASN C 13 4.91 1.38 -8.31
N GLN C 14 4.91 2.54 -7.65
CA GLN C 14 4.25 3.71 -8.20
C GLN C 14 5.05 4.23 -9.41
N SER C 15 6.38 4.19 -9.30
CA SER C 15 7.21 4.60 -10.43
CA SER C 15 7.24 4.58 -10.42
C SER C 15 6.94 3.70 -11.64
N LEU C 16 6.76 2.41 -11.39
CA LEU C 16 6.47 1.49 -12.48
C LEU C 16 5.12 1.84 -13.10
N ALA C 17 4.14 2.17 -12.27
CA ALA C 17 2.82 2.54 -12.76
C ALA C 17 2.88 3.75 -13.68
N GLU C 18 3.87 4.62 -13.46
CA GLU C 18 3.96 5.87 -14.22
C GLU C 18 4.77 5.77 -15.50
N VAL C 19 5.35 4.61 -15.76
CA VAL C 19 6.12 4.46 -16.99
C VAL C 19 5.20 4.08 -18.14
N GLN C 20 3.97 3.72 -17.81
CA GLN C 20 3.00 3.23 -18.79
C GLN C 20 3.02 4.04 -20.08
N GLY C 21 3.34 3.37 -21.18
CA GLY C 21 3.37 3.98 -22.49
C GLY C 21 4.74 4.45 -22.94
N GLN C 22 5.78 4.13 -22.19
CA GLN C 22 7.12 4.65 -22.50
C GLN C 22 8.19 3.56 -22.60
N ILE C 23 7.75 2.30 -22.52
CA ILE C 23 8.66 1.16 -22.56
C ILE C 23 8.64 0.49 -23.93
N ASN C 24 9.81 0.38 -24.56
CA ASN C 24 9.95 -0.39 -25.79
C ASN C 24 10.18 -1.85 -25.46
N VAL C 25 9.49 -2.74 -26.16
CA VAL C 25 9.71 -4.17 -25.98
C VAL C 25 9.93 -4.90 -27.29
N SER C 26 10.67 -6.00 -27.21
CA SER C 26 10.84 -6.85 -28.38
C SER C 26 10.65 -8.28 -27.92
N PHE C 27 10.25 -9.14 -28.84
CA PHE C 27 10.00 -10.54 -28.52
C PHE C 27 10.80 -11.44 -29.42
N GLN C 28 11.45 -12.44 -28.83
CA GLN C 28 12.21 -13.44 -29.57
C GLN C 28 11.49 -14.77 -29.67
N PHE C 29 11.41 -15.32 -30.88
CA PHE C 29 10.75 -16.59 -31.16
C PHE C 29 11.74 -17.55 -31.80
N PHE C 30 11.41 -18.84 -31.82
CA PHE C 30 12.21 -19.82 -32.55
C PHE C 30 11.36 -20.61 -33.53
N PRO C 31 11.98 -21.16 -34.57
CA PRO C 31 11.21 -21.95 -35.54
C PRO C 31 10.63 -23.22 -34.91
N PRO C 32 9.30 -23.39 -35.01
CA PRO C 32 8.64 -24.56 -34.43
C PRO C 32 9.16 -25.85 -35.03
N ARG C 33 9.15 -26.92 -34.23
CA ARG C 33 9.64 -28.22 -34.67
C ARG C 33 8.50 -29.23 -34.79
N THR C 34 7.30 -28.82 -34.37
CA THR C 34 6.12 -29.68 -34.45
C THR C 34 4.90 -28.88 -34.87
N SER C 35 3.84 -29.60 -35.27
CA SER C 35 2.58 -28.97 -35.64
C SER C 35 1.96 -28.26 -34.44
N GLU C 36 2.08 -28.87 -33.27
CA GLU C 36 1.56 -28.28 -32.04
C GLU C 36 2.25 -26.95 -31.72
N MET C 37 3.57 -26.93 -31.84
CA MET C 37 4.34 -25.71 -31.58
C MET C 37 4.08 -24.65 -32.65
N GLU C 38 3.83 -25.11 -33.87
CA GLU C 38 3.48 -24.19 -34.96
C GLU C 38 2.26 -23.36 -34.58
N GLN C 39 1.19 -24.04 -34.16
CA GLN C 39 -0.02 -23.35 -33.75
C GLN C 39 0.25 -22.43 -32.55
N THR C 40 0.97 -22.94 -31.56
CA THR C 40 1.28 -22.16 -30.37
C THR C 40 2.01 -20.88 -30.74
N LEU C 41 2.93 -20.98 -31.68
CA LEU C 41 3.73 -19.84 -32.11
C LEU C 41 2.87 -18.73 -32.70
N TRP C 42 2.03 -19.08 -33.67
CA TRP C 42 1.24 -18.06 -34.35
C TRP C 42 0.18 -17.44 -33.43
N ASN C 43 -0.33 -18.23 -32.49
CA ASN C 43 -1.19 -17.68 -31.45
C ASN C 43 -0.44 -16.65 -30.62
N SER C 44 0.75 -17.02 -30.15
CA SER C 44 1.57 -16.10 -29.36
C SER C 44 1.87 -14.83 -30.14
N ILE C 45 2.22 -14.99 -31.42
CA ILE C 45 2.50 -13.85 -32.27
C ILE C 45 1.30 -12.91 -32.34
N ASP C 46 0.10 -13.47 -32.51
CA ASP C 46 -1.12 -12.67 -32.59
C ASP C 46 -1.41 -11.97 -31.27
N ARG C 47 -1.19 -12.68 -30.17
CA ARG C 47 -1.42 -12.13 -28.84
CA ARG C 47 -1.42 -12.12 -28.85
C ARG C 47 -0.40 -11.04 -28.51
N LEU C 48 0.87 -11.32 -28.77
CA LEU C 48 1.94 -10.36 -28.45
C LEU C 48 1.98 -9.16 -29.38
N SER C 49 1.54 -9.34 -30.62
CA SER C 49 1.55 -8.24 -31.59
C SER C 49 0.67 -7.09 -31.13
N SER C 50 -0.35 -7.40 -30.33
CA SER C 50 -1.26 -6.38 -29.83
C SER C 50 -0.53 -5.40 -28.92
N LEU C 51 0.64 -5.78 -28.43
CA LEU C 51 1.44 -4.92 -27.56
C LEU C 51 2.33 -3.96 -28.34
N LYS C 52 2.30 -4.08 -29.67
CA LYS C 52 3.07 -3.17 -30.54
C LYS C 52 4.56 -3.13 -30.20
N PRO C 53 5.23 -4.29 -30.24
CA PRO C 53 6.67 -4.34 -29.96
C PRO C 53 7.45 -3.54 -31.00
N LYS C 54 8.61 -3.01 -30.61
CA LYS C 54 9.46 -2.28 -31.56
C LYS C 54 9.92 -3.20 -32.67
N PHE C 55 10.21 -4.44 -32.31
CA PHE C 55 10.51 -5.48 -33.30
C PHE C 55 10.34 -6.84 -32.63
N VAL C 56 10.29 -7.88 -33.46
CA VAL C 56 10.36 -9.24 -32.98
C VAL C 56 11.46 -9.94 -33.78
N SER C 57 12.04 -10.99 -33.22
CA SER C 57 13.13 -11.70 -33.89
C SER C 57 12.92 -13.21 -33.88
N VAL C 58 13.55 -13.89 -34.83
CA VAL C 58 13.44 -15.34 -34.95
C VAL C 58 14.82 -15.96 -35.00
N THR C 59 15.09 -16.90 -34.10
CA THR C 59 16.40 -17.54 -34.03
C THR C 59 16.74 -18.39 -35.26
N TYR C 60 18.03 -18.66 -35.42
CA TYR C 60 18.51 -19.49 -36.51
C TYR C 60 19.55 -20.47 -36.00
N THR C 70 13.42 -20.22 -40.85
CA THR C 70 13.59 -18.89 -40.28
C THR C 70 13.10 -17.81 -41.25
N HIS C 71 13.64 -17.83 -42.47
CA HIS C 71 13.25 -16.85 -43.49
C HIS C 71 11.74 -16.84 -43.69
N SER C 72 11.13 -18.02 -43.63
CA SER C 72 9.69 -18.14 -43.82
C SER C 72 8.92 -17.51 -42.68
N ILE C 73 9.25 -17.91 -41.45
CA ILE C 73 8.61 -17.35 -40.26
C ILE C 73 8.65 -15.82 -40.29
N ILE C 74 9.83 -15.28 -40.54
CA ILE C 74 10.01 -13.84 -40.64
C ILE C 74 9.03 -13.23 -41.64
N LYS C 75 8.91 -13.86 -42.81
CA LYS C 75 8.01 -13.35 -43.84
C LYS C 75 6.56 -13.46 -43.39
N GLY C 76 6.19 -14.61 -42.84
CA GLY C 76 4.86 -14.82 -42.32
C GLY C 76 4.48 -13.80 -41.27
N ILE C 77 5.43 -13.47 -40.40
CA ILE C 77 5.19 -12.46 -39.36
C ILE C 77 4.97 -11.09 -39.96
N LYS C 78 5.82 -10.73 -40.92
CA LYS C 78 5.74 -9.43 -41.57
C LYS C 78 4.39 -9.23 -42.27
N ASP C 79 3.93 -10.27 -42.96
CA ASP C 79 2.67 -10.20 -43.70
C ASP C 79 1.47 -10.22 -42.75
N ARG C 80 1.57 -11.01 -41.69
CA ARG C 80 0.45 -11.22 -40.78
C ARG C 80 0.22 -10.04 -39.84
N THR C 81 1.28 -9.31 -39.51
CA THR C 81 1.22 -8.30 -38.45
C THR C 81 1.77 -6.95 -38.88
N GLY C 82 2.70 -6.97 -39.83
CA GLY C 82 3.33 -5.75 -40.29
C GLY C 82 4.38 -5.25 -39.32
N LEU C 83 4.78 -6.10 -38.37
CA LEU C 83 5.81 -5.75 -37.40
C LEU C 83 7.18 -5.92 -38.02
N GLU C 84 8.13 -5.11 -37.59
CA GLU C 84 9.53 -5.31 -37.95
C GLU C 84 10.00 -6.65 -37.38
N ALA C 85 10.32 -7.58 -38.27
CA ALA C 85 10.79 -8.90 -37.87
C ALA C 85 12.24 -9.12 -38.28
N ALA C 86 13.11 -9.30 -37.28
CA ALA C 86 14.54 -9.41 -37.51
C ALA C 86 15.01 -10.85 -37.44
N PRO C 87 15.53 -11.38 -38.55
CA PRO C 87 16.04 -12.74 -38.50
C PRO C 87 17.39 -12.75 -37.79
N HIS C 88 17.66 -13.81 -37.04
CA HIS C 88 18.99 -14.05 -36.50
C HIS C 88 19.83 -14.68 -37.60
N LEU C 89 21.12 -14.35 -37.61
CA LEU C 89 22.04 -14.86 -38.61
C LEU C 89 23.37 -15.16 -37.95
N THR C 90 23.89 -16.36 -38.18
CA THR C 90 25.17 -16.76 -37.61
C THR C 90 26.18 -16.98 -38.73
N CYS C 91 27.46 -17.02 -38.38
CA CYS C 91 28.49 -17.34 -39.37
C CYS C 91 29.15 -18.68 -39.07
N ILE C 92 28.49 -19.50 -38.27
CA ILE C 92 28.97 -20.82 -37.92
C ILE C 92 28.56 -21.84 -38.97
N ASP C 93 27.63 -21.45 -39.84
CA ASP C 93 27.06 -22.38 -40.81
C ASP C 93 27.64 -22.22 -42.22
N ALA C 94 27.67 -20.98 -42.71
CA ALA C 94 28.01 -20.74 -44.11
C ALA C 94 29.38 -20.07 -44.31
N THR C 95 29.67 -19.74 -45.56
CA THR C 95 30.93 -19.09 -45.93
C THR C 95 30.73 -17.58 -46.10
N PRO C 96 31.81 -16.82 -45.97
CA PRO C 96 31.76 -15.35 -46.07
C PRO C 96 31.10 -14.86 -47.36
N ASP C 97 30.98 -15.73 -48.35
CA ASP C 97 30.36 -15.37 -49.62
C ASP C 97 28.87 -15.69 -49.61
N GLU C 98 28.52 -16.83 -49.03
CA GLU C 98 27.12 -17.23 -48.93
C GLU C 98 26.36 -16.30 -47.99
N LEU C 99 27.06 -15.78 -46.99
CA LEU C 99 26.46 -14.83 -46.05
C LEU C 99 26.03 -13.57 -46.78
N ARG C 100 26.87 -13.08 -47.67
CA ARG C 100 26.56 -11.89 -48.45
C ARG C 100 25.34 -12.13 -49.35
N THR C 101 25.20 -13.37 -49.80
CA THR C 101 24.09 -13.75 -50.66
C THR C 101 22.78 -13.83 -49.86
N ILE C 102 22.84 -14.48 -48.70
CA ILE C 102 21.68 -14.63 -47.84
C ILE C 102 21.26 -13.28 -47.25
N ALA C 103 22.24 -12.42 -47.00
CA ALA C 103 21.99 -11.10 -46.45
C ALA C 103 21.31 -10.20 -47.48
N ARG C 104 21.91 -10.11 -48.66
CA ARG C 104 21.36 -9.30 -49.73
C ARG C 104 19.94 -9.75 -50.09
N ASP C 105 19.68 -11.04 -49.92
CA ASP C 105 18.37 -11.59 -50.20
C ASP C 105 17.34 -11.05 -49.22
N TYR C 106 17.75 -10.81 -47.98
CA TYR C 106 16.88 -10.26 -46.96
C TYR C 106 16.48 -8.82 -47.28
N TRP C 107 17.50 -7.96 -47.43
CA TRP C 107 17.26 -6.54 -47.66
C TRP C 107 16.35 -6.28 -48.86
N ASN C 108 16.41 -7.16 -49.84
CA ASN C 108 15.62 -6.99 -51.06
C ASN C 108 14.16 -7.42 -50.89
N ASN C 109 13.79 -7.78 -49.67
CA ASN C 109 12.42 -8.21 -49.39
C ASN C 109 11.71 -7.31 -48.38
N GLY C 110 12.49 -6.51 -47.66
CA GLY C 110 11.94 -5.63 -46.65
C GLY C 110 12.53 -5.91 -45.28
N ILE C 111 13.54 -6.78 -45.25
CA ILE C 111 14.21 -7.13 -44.01
C ILE C 111 15.41 -6.23 -43.77
N ARG C 112 15.23 -5.21 -42.94
CA ARG C 112 16.27 -4.22 -42.70
C ARG C 112 16.99 -4.39 -41.37
N HIS C 113 16.48 -5.29 -40.53
CA HIS C 113 17.06 -5.52 -39.21
C HIS C 113 17.53 -6.97 -39.08
N ILE C 114 18.76 -7.16 -38.62
CA ILE C 114 19.35 -8.49 -38.48
C ILE C 114 20.10 -8.63 -37.16
N VAL C 115 19.86 -9.74 -36.47
CA VAL C 115 20.60 -10.04 -35.25
C VAL C 115 21.85 -10.84 -35.61
N ALA C 116 23.01 -10.19 -35.57
CA ALA C 116 24.25 -10.81 -36.01
C ALA C 116 24.97 -11.51 -34.88
N LEU C 117 25.19 -12.81 -35.05
CA LEU C 117 25.81 -13.65 -34.03
C LEU C 117 26.92 -14.51 -34.63
N ARG C 118 27.82 -15.00 -33.79
CA ARG C 118 28.81 -15.97 -34.24
C ARG C 118 28.17 -17.35 -34.35
N GLY C 119 27.27 -17.66 -33.42
CA GLY C 119 26.57 -18.92 -33.43
C GLY C 119 27.15 -19.90 -32.44
N ASP C 120 26.26 -20.67 -31.79
CA ASP C 120 26.68 -21.79 -30.97
C ASP C 120 27.46 -22.73 -31.86
N LEU C 121 28.45 -23.41 -31.30
CA LEU C 121 29.28 -24.32 -32.09
C LEU C 121 28.70 -25.74 -32.09
N PRO C 122 28.62 -26.35 -33.28
CA PRO C 122 28.14 -27.73 -33.43
C PRO C 122 29.10 -28.72 -32.77
N PRO C 123 28.56 -29.81 -32.21
CA PRO C 123 29.37 -30.86 -31.59
C PRO C 123 30.36 -31.47 -32.57
N GLU C 129 35.65 -19.72 -37.59
CA GLU C 129 36.80 -19.01 -38.12
C GLU C 129 36.64 -17.50 -37.93
N MET C 130 35.51 -16.98 -38.38
CA MET C 130 35.21 -15.55 -38.23
C MET C 130 34.32 -15.31 -37.02
N TYR C 131 34.49 -14.15 -36.39
CA TYR C 131 33.74 -13.79 -35.19
C TYR C 131 32.54 -12.91 -35.53
N ALA C 132 31.68 -12.64 -34.55
CA ALA C 132 30.52 -11.81 -34.83
C ALA C 132 30.92 -10.43 -35.34
N SER C 133 32.01 -9.89 -34.79
CA SER C 133 32.53 -8.62 -35.28
C SER C 133 32.77 -8.65 -36.79
N ASP C 134 33.24 -9.79 -37.29
CA ASP C 134 33.44 -9.95 -38.73
C ASP C 134 32.12 -9.98 -39.50
N LEU C 135 31.09 -10.56 -38.89
CA LEU C 135 29.78 -10.63 -39.52
C LEU C 135 29.11 -9.25 -39.62
N VAL C 136 29.24 -8.45 -38.56
CA VAL C 136 28.70 -7.09 -38.54
C VAL C 136 29.36 -6.28 -39.65
N THR C 137 30.68 -6.40 -39.75
CA THR C 137 31.43 -5.67 -40.77
C THR C 137 30.97 -6.12 -42.15
N LEU C 138 30.77 -7.42 -42.30
CA LEU C 138 30.35 -7.99 -43.58
C LEU C 138 28.95 -7.52 -43.94
N LEU C 139 28.01 -7.74 -43.04
CA LEU C 139 26.62 -7.35 -43.28
C LEU C 139 26.52 -5.89 -43.70
N LYS C 140 27.28 -5.01 -43.03
CA LYS C 140 27.24 -3.59 -43.31
C LYS C 140 27.80 -3.25 -44.69
N GLU C 141 28.76 -4.06 -45.16
CA GLU C 141 29.34 -3.85 -46.47
C GLU C 141 28.31 -4.06 -47.57
N VAL C 142 27.20 -4.71 -47.20
CA VAL C 142 26.13 -5.01 -48.15
C VAL C 142 25.07 -3.91 -48.19
N ALA C 143 24.65 -3.46 -47.01
CA ALA C 143 23.65 -2.41 -46.91
C ALA C 143 23.65 -1.78 -45.52
N ASP C 144 22.84 -0.73 -45.36
CA ASP C 144 22.77 -0.01 -44.10
C ASP C 144 21.81 -0.73 -43.15
N PHE C 145 22.19 -1.93 -42.74
CA PHE C 145 21.33 -2.75 -41.88
C PHE C 145 21.25 -2.20 -40.47
N ASP C 146 20.13 -2.49 -39.81
CA ASP C 146 20.06 -2.42 -38.36
C ASP C 146 20.73 -3.69 -37.85
N ILE C 147 21.75 -3.54 -37.01
CA ILE C 147 22.45 -4.71 -36.48
C ILE C 147 22.33 -4.78 -34.96
N SER C 148 21.83 -5.91 -34.47
CA SER C 148 21.79 -6.20 -33.04
C SER C 148 22.80 -7.29 -32.74
N VAL C 149 23.58 -7.12 -31.67
CA VAL C 149 24.55 -8.13 -31.28
C VAL C 149 24.38 -8.55 -29.82
N ALA C 150 25.02 -9.65 -29.45
CA ALA C 150 24.85 -10.22 -28.12
C ALA C 150 25.88 -9.64 -27.16
N ALA C 151 25.43 -9.35 -25.94
CA ALA C 151 26.32 -8.93 -24.87
C ALA C 151 26.22 -9.90 -23.70
N TYR C 152 27.27 -9.97 -22.90
CA TYR C 152 27.32 -10.97 -21.83
C TYR C 152 27.75 -10.35 -20.51
N PRO C 153 26.78 -9.94 -19.71
CA PRO C 153 27.09 -9.29 -18.42
C PRO C 153 27.99 -10.16 -17.56
N GLU C 154 27.89 -11.48 -17.71
CA GLU C 154 28.66 -12.40 -16.88
C GLU C 154 29.76 -13.08 -17.67
N VAL C 155 30.08 -12.49 -18.82
CA VAL C 155 31.20 -12.90 -19.65
C VAL C 155 30.90 -14.18 -20.43
N HIS C 156 31.10 -14.10 -21.74
CA HIS C 156 30.95 -15.26 -22.59
C HIS C 156 31.94 -16.34 -22.17
N PRO C 157 31.47 -17.61 -22.10
CA PRO C 157 32.28 -18.73 -21.61
C PRO C 157 33.63 -18.89 -22.32
N GLU C 158 33.73 -18.53 -23.59
CA GLU C 158 34.98 -18.68 -24.34
C GLU C 158 35.97 -17.55 -24.10
N ALA C 159 35.46 -16.36 -23.77
CA ALA C 159 36.29 -15.19 -23.58
C ALA C 159 37.44 -15.43 -22.59
N LYS C 160 38.59 -14.84 -22.89
CA LYS C 160 39.78 -15.00 -22.05
C LYS C 160 39.63 -14.25 -20.72
N SER C 161 38.88 -13.17 -20.73
CA SER C 161 38.67 -12.37 -19.54
C SER C 161 37.46 -11.45 -19.73
N ALA C 162 37.00 -10.88 -18.64
CA ALA C 162 35.87 -9.94 -18.70
C ALA C 162 36.21 -8.76 -19.60
N GLN C 163 37.40 -8.22 -19.44
CA GLN C 163 37.79 -7.06 -20.23
C GLN C 163 37.89 -7.40 -21.71
N ALA C 164 38.43 -8.57 -22.02
CA ALA C 164 38.55 -9.00 -23.41
C ALA C 164 37.18 -9.10 -24.08
N ASP C 165 36.20 -9.66 -23.36
CA ASP C 165 34.87 -9.84 -23.92
C ASP C 165 34.20 -8.47 -24.05
N LEU C 166 34.46 -7.60 -23.08
CA LEU C 166 33.93 -6.23 -23.13
C LEU C 166 34.48 -5.49 -24.35
N LEU C 167 35.79 -5.58 -24.57
CA LEU C 167 36.42 -4.97 -25.74
C LEU C 167 35.87 -5.56 -27.03
N ASN C 168 35.56 -6.86 -27.02
CA ASN C 168 34.89 -7.48 -28.14
C ASN C 168 33.54 -6.84 -28.45
N LEU C 169 32.74 -6.60 -27.41
CA LEU C 169 31.46 -5.93 -27.60
C LEU C 169 31.71 -4.57 -28.26
N LYS C 170 32.69 -3.84 -27.75
CA LYS C 170 33.10 -2.56 -28.33
C LYS C 170 33.41 -2.70 -29.82
N ARG C 171 34.15 -3.73 -30.18
CA ARG C 171 34.49 -4.00 -31.59
C ARG C 171 33.23 -4.18 -32.42
N LYS C 172 32.26 -4.89 -31.87
CA LYS C 172 31.05 -5.22 -32.62
C LYS C 172 30.20 -3.98 -32.84
N VAL C 173 30.18 -3.11 -31.82
CA VAL C 173 29.48 -1.85 -31.92
C VAL C 173 30.23 -0.92 -32.89
N ASP C 174 31.56 -0.87 -32.76
CA ASP C 174 32.36 -0.02 -33.64
C ASP C 174 32.24 -0.47 -35.09
N ALA C 175 31.93 -1.75 -35.28
CA ALA C 175 31.76 -2.31 -36.61
C ALA C 175 30.41 -1.95 -37.23
N GLY C 176 29.43 -1.61 -36.40
CA GLY C 176 28.16 -1.13 -36.92
C GLY C 176 26.91 -1.53 -36.16
N ALA C 177 27.07 -2.34 -35.12
CA ALA C 177 25.92 -2.73 -34.31
C ALA C 177 25.37 -1.53 -33.54
N ASN C 178 24.07 -1.27 -33.68
CA ASN C 178 23.46 -0.16 -32.97
C ASN C 178 22.62 -0.58 -31.76
N ARG C 179 22.50 -1.89 -31.55
CA ARG C 179 21.87 -2.44 -30.35
C ARG C 179 22.71 -3.57 -29.78
N ALA C 180 22.77 -3.65 -28.46
CA ALA C 180 23.28 -4.85 -27.80
C ALA C 180 22.15 -5.46 -27.00
N ILE C 181 22.00 -6.79 -27.09
CA ILE C 181 21.01 -7.51 -26.31
C ILE C 181 21.72 -8.52 -25.43
N THR C 182 21.40 -8.53 -24.14
CA THR C 182 22.15 -9.40 -23.23
C THR C 182 21.68 -10.84 -23.26
N GLN C 183 22.63 -11.74 -23.03
CA GLN C 183 22.31 -13.07 -22.56
C GLN C 183 21.37 -12.89 -21.37
N PHE C 184 20.51 -13.87 -21.10
CA PHE C 184 19.66 -13.75 -19.93
C PHE C 184 20.52 -13.79 -18.66
N PHE C 185 19.98 -13.23 -17.58
CA PHE C 185 20.68 -13.18 -16.31
C PHE C 185 19.62 -13.16 -15.21
N PHE C 186 20.03 -13.50 -13.99
CA PHE C 186 19.10 -13.46 -12.86
C PHE C 186 19.64 -12.59 -11.73
N ASP C 187 20.92 -12.28 -11.83
CA ASP C 187 21.57 -11.36 -10.89
C ASP C 187 21.53 -9.95 -11.47
N VAL C 188 20.61 -9.12 -10.99
CA VAL C 188 20.41 -7.80 -11.56
C VAL C 188 21.64 -6.92 -11.37
N GLU C 189 22.34 -7.11 -10.25
CA GLU C 189 23.53 -6.32 -9.95
C GLU C 189 24.61 -6.57 -10.98
N SER C 190 24.68 -7.79 -11.48
CA SER C 190 25.65 -8.16 -12.50
C SER C 190 25.40 -7.38 -13.77
N TYR C 191 24.13 -7.28 -14.15
CA TYR C 191 23.75 -6.52 -15.33
C TYR C 191 24.08 -5.03 -15.15
N LEU C 192 23.69 -4.48 -14.00
CA LEU C 192 23.90 -3.06 -13.73
C LEU C 192 25.37 -2.69 -13.72
N ARG C 193 26.19 -3.50 -13.06
CA ARG C 193 27.63 -3.25 -13.03
C ARG C 193 28.23 -3.36 -14.44
N PHE C 194 27.75 -4.31 -15.23
CA PHE C 194 28.20 -4.46 -16.61
C PHE C 194 27.81 -3.25 -17.47
N ARG C 195 26.59 -2.76 -17.29
CA ARG C 195 26.11 -1.59 -18.02
CA ARG C 195 26.13 -1.59 -18.03
C ARG C 195 27.00 -0.39 -17.74
N ASP C 196 27.43 -0.25 -16.49
CA ASP C 196 28.32 0.83 -16.10
C ASP C 196 29.70 0.66 -16.75
N ARG C 197 30.22 -0.56 -16.70
CA ARG C 197 31.50 -0.83 -17.33
C ARG C 197 31.47 -0.57 -18.83
N CYS C 198 30.33 -0.82 -19.47
CA CYS C 198 30.18 -0.53 -20.90
C CYS C 198 30.34 0.96 -21.20
N VAL C 199 29.65 1.82 -20.44
CA VAL C 199 29.78 3.25 -20.66
C VAL C 199 31.21 3.74 -20.37
N SER C 200 31.84 3.15 -19.35
CA SER C 200 33.22 3.50 -19.03
C SER C 200 34.14 3.16 -20.19
N ALA C 201 33.76 2.14 -20.96
CA ALA C 201 34.54 1.67 -22.09
C ALA C 201 34.16 2.40 -23.38
N GLY C 202 33.26 3.37 -23.27
CA GLY C 202 32.94 4.24 -24.39
C GLY C 202 31.98 3.63 -25.40
N ILE C 203 31.22 2.62 -24.97
CA ILE C 203 30.20 1.99 -25.81
C ILE C 203 28.90 2.77 -25.71
N ASP C 204 28.46 3.34 -26.84
CA ASP C 204 27.35 4.30 -26.81
C ASP C 204 25.99 3.75 -27.23
N VAL C 205 25.86 2.43 -27.25
CA VAL C 205 24.57 1.82 -27.53
C VAL C 205 23.95 1.38 -26.22
N GLU C 206 22.63 1.24 -26.20
CA GLU C 206 21.97 0.69 -25.01
C GLU C 206 22.30 -0.79 -24.90
N ILE C 207 22.39 -1.27 -23.67
CA ILE C 207 22.60 -2.68 -23.39
C ILE C 207 21.26 -3.26 -22.96
N ILE C 208 20.49 -3.75 -23.93
CA ILE C 208 19.11 -4.15 -23.70
C ILE C 208 19.05 -5.48 -22.97
N PRO C 209 18.36 -5.52 -21.82
CA PRO C 209 18.31 -6.78 -21.09
C PRO C 209 17.46 -7.80 -21.83
N GLY C 210 18.02 -8.98 -22.05
CA GLY C 210 17.27 -10.13 -22.53
C GLY C 210 16.71 -10.83 -21.31
N ILE C 211 15.38 -10.89 -21.22
CA ILE C 211 14.70 -11.43 -20.05
C ILE C 211 14.18 -12.83 -20.36
N LEU C 212 14.55 -13.80 -19.52
CA LEU C 212 14.01 -15.16 -19.68
C LEU C 212 13.06 -15.44 -18.52
N PRO C 213 11.75 -15.40 -18.78
CA PRO C 213 10.79 -15.78 -17.74
C PRO C 213 10.87 -17.29 -17.57
N VAL C 214 11.15 -17.74 -16.36
CA VAL C 214 11.41 -19.15 -16.12
C VAL C 214 10.19 -19.86 -15.59
N SER C 215 9.70 -20.83 -16.34
CA SER C 215 8.67 -21.73 -15.85
C SER C 215 9.22 -23.14 -15.70
N ASN C 216 10.20 -23.49 -16.53
CA ASN C 216 10.88 -24.79 -16.39
C ASN C 216 12.28 -24.55 -15.87
N PHE C 217 12.45 -24.71 -14.57
CA PHE C 217 13.73 -24.39 -13.94
C PHE C 217 14.80 -25.42 -14.29
N LYS C 218 14.45 -26.70 -14.26
CA LYS C 218 15.42 -27.71 -14.63
C LYS C 218 16.09 -27.34 -15.96
N GLN C 219 15.28 -26.98 -16.95
CA GLN C 219 15.81 -26.65 -18.28
C GLN C 219 16.59 -25.34 -18.31
N ALA C 220 16.07 -24.32 -17.63
CA ALA C 220 16.76 -23.04 -17.57
C ALA C 220 18.13 -23.21 -16.91
N LYS C 221 18.19 -24.04 -15.86
CA LYS C 221 19.44 -24.26 -15.16
C LYS C 221 20.47 -24.98 -16.03
N LYS C 222 20.01 -25.97 -16.80
CA LYS C 222 20.89 -26.68 -17.70
C LYS C 222 21.55 -25.68 -18.64
N LEU C 223 20.75 -24.81 -19.24
CA LEU C 223 21.27 -23.83 -20.18
C LEU C 223 22.16 -22.80 -19.50
N ALA C 224 21.73 -22.30 -18.33
CA ALA C 224 22.54 -21.35 -17.58
C ALA C 224 23.94 -21.92 -17.31
N ASP C 225 23.99 -23.18 -16.90
CA ASP C 225 25.26 -23.83 -16.58
C ASP C 225 26.20 -23.89 -17.79
N MET C 226 25.63 -24.05 -18.98
CA MET C 226 26.43 -24.13 -20.20
C MET C 226 26.84 -22.75 -20.72
N THR C 227 26.19 -21.71 -20.23
CA THR C 227 26.40 -20.37 -20.76
C THR C 227 27.02 -19.40 -19.76
N ASN C 228 27.50 -19.94 -18.65
CA ASN C 228 28.14 -19.13 -17.62
C ASN C 228 27.19 -18.07 -17.02
N VAL C 229 25.90 -18.39 -16.98
CA VAL C 229 24.91 -17.53 -16.35
C VAL C 229 24.69 -18.03 -14.94
N ARG C 230 24.90 -17.17 -13.96
CA ARG C 230 24.80 -17.57 -12.56
C ARG C 230 23.35 -17.67 -12.10
N ILE C 231 23.06 -18.73 -11.36
CA ILE C 231 21.77 -18.85 -10.70
CA ILE C 231 21.77 -18.89 -10.69
C ILE C 231 21.97 -18.57 -9.21
N PRO C 232 21.49 -17.41 -8.75
CA PRO C 232 21.66 -17.04 -7.35
C PRO C 232 21.09 -18.09 -6.42
N ALA C 233 21.72 -18.26 -5.27
CA ALA C 233 21.26 -19.22 -4.26
C ALA C 233 19.79 -19.02 -3.92
N TRP C 234 19.37 -17.77 -3.80
CA TRP C 234 17.97 -17.51 -3.46
C TRP C 234 17.03 -18.05 -4.54
N MET C 235 17.51 -18.04 -5.79
CA MET C 235 16.68 -18.50 -6.89
C MET C 235 16.60 -20.03 -6.93
N ALA C 236 17.75 -20.66 -6.71
CA ALA C 236 17.78 -22.12 -6.64
C ALA C 236 16.82 -22.58 -5.55
N GLN C 237 16.87 -21.90 -4.41
CA GLN C 237 16.05 -22.29 -3.27
C GLN C 237 14.58 -22.05 -3.58
N MET C 238 14.32 -20.98 -4.32
CA MET C 238 12.97 -20.64 -4.72
C MET C 238 12.32 -21.72 -5.59
N PHE C 239 13.13 -22.39 -6.42
CA PHE C 239 12.58 -23.41 -7.31
C PHE C 239 12.75 -24.82 -6.76
N ASP C 240 13.50 -24.94 -5.68
CA ASP C 240 13.69 -26.24 -5.04
C ASP C 240 12.34 -26.83 -4.66
N GLY C 241 12.14 -28.10 -5.02
CA GLY C 241 10.93 -28.81 -4.62
C GLY C 241 9.76 -28.70 -5.58
N LEU C 242 9.96 -28.01 -6.70
CA LEU C 242 8.87 -27.78 -7.64
C LEU C 242 8.96 -28.59 -8.95
N ASP C 243 9.79 -29.61 -8.97
CA ASP C 243 9.96 -30.38 -10.21
C ASP C 243 8.62 -30.86 -10.81
N ASP C 244 7.65 -31.15 -9.96
CA ASP C 244 6.37 -31.69 -10.43
C ASP C 244 5.21 -30.75 -10.17
N ASP C 245 5.51 -29.47 -10.05
CA ASP C 245 4.47 -28.49 -9.77
C ASP C 245 4.57 -27.33 -10.75
N ALA C 246 4.07 -27.56 -11.96
CA ALA C 246 4.14 -26.57 -13.03
C ALA C 246 3.47 -25.26 -12.64
N GLU C 247 2.35 -25.38 -11.93
CA GLU C 247 1.56 -24.19 -11.56
C GLU C 247 2.35 -23.26 -10.64
N THR C 248 2.94 -23.81 -9.60
CA THR C 248 3.74 -22.99 -8.69
C THR C 248 4.99 -22.45 -9.37
N ARG C 249 5.61 -23.26 -10.23
CA ARG C 249 6.77 -22.74 -10.98
C ARG C 249 6.42 -21.50 -11.78
N LYS C 250 5.25 -21.51 -12.42
CA LYS C 250 4.86 -20.37 -13.25
C LYS C 250 4.68 -19.11 -12.42
N LEU C 251 4.03 -19.24 -11.27
CA LEU C 251 3.81 -18.09 -10.41
C LEU C 251 5.12 -17.57 -9.81
N VAL C 252 6.01 -18.49 -9.42
CA VAL C 252 7.31 -18.12 -8.88
C VAL C 252 8.16 -17.43 -9.94
N GLY C 253 8.17 -18.00 -11.14
CA GLY C 253 8.95 -17.46 -12.23
C GLY C 253 8.44 -16.11 -12.69
N ALA C 254 7.12 -15.94 -12.71
CA ALA C 254 6.56 -14.66 -13.13
C ALA C 254 6.93 -13.59 -12.12
N ASN C 255 6.91 -13.98 -10.84
CA ASN C 255 7.25 -13.08 -9.75
C ASN C 255 8.70 -12.62 -9.86
N ILE C 256 9.60 -13.55 -10.15
CA ILE C 256 11.02 -13.21 -10.33
C ILE C 256 11.20 -12.22 -11.48
N ALA C 257 10.55 -12.51 -12.62
CA ALA C 257 10.76 -11.68 -13.81
C ALA C 257 10.12 -10.31 -13.60
N MET C 258 8.98 -10.28 -12.93
CA MET C 258 8.33 -8.99 -12.68
C MET C 258 9.17 -8.13 -11.75
N ASP C 259 9.76 -8.74 -10.74
CA ASP C 259 10.62 -8.02 -9.82
CA ASP C 259 10.60 -8.01 -9.82
C ASP C 259 11.83 -7.47 -10.56
N MET C 260 12.41 -8.30 -11.43
CA MET C 260 13.58 -7.87 -12.20
C MET C 260 13.31 -6.65 -13.04
N VAL C 261 12.26 -6.69 -13.85
CA VAL C 261 12.00 -5.57 -14.74
C VAL C 261 11.56 -4.31 -13.98
N LYS C 262 10.93 -4.50 -12.83
CA LYS C 262 10.58 -3.36 -11.97
C LYS C 262 11.85 -2.61 -11.53
N ILE C 263 12.84 -3.37 -11.09
CA ILE C 263 14.11 -2.79 -10.66
C ILE C 263 14.84 -2.15 -11.84
N LEU C 264 14.88 -2.87 -12.96
CA LEU C 264 15.57 -2.38 -14.15
C LEU C 264 14.96 -1.09 -14.65
N SER C 265 13.62 -1.02 -14.64
CA SER C 265 12.90 0.18 -15.08
CA SER C 265 12.94 0.19 -15.11
C SER C 265 13.25 1.38 -14.21
N ARG C 266 13.34 1.17 -12.90
CA ARG C 266 13.67 2.27 -12.01
C ARG C 266 15.09 2.77 -12.27
N GLU C 267 15.96 1.87 -12.70
CA GLU C 267 17.34 2.23 -13.02
C GLU C 267 17.46 2.83 -14.41
N GLY C 268 16.32 3.11 -15.04
CA GLY C 268 16.30 3.83 -16.29
C GLY C 268 16.27 2.99 -17.54
N VAL C 269 16.11 1.68 -17.38
CA VAL C 269 16.01 0.83 -18.55
C VAL C 269 14.64 0.99 -19.18
N LYS C 270 14.61 1.29 -20.47
CA LYS C 270 13.35 1.51 -21.17
C LYS C 270 13.22 0.60 -22.37
N ASP C 271 14.08 -0.41 -22.41
CA ASP C 271 14.10 -1.39 -23.49
C ASP C 271 14.25 -2.77 -22.91
N PHE C 272 13.38 -3.70 -23.32
CA PHE C 272 13.42 -5.08 -22.86
C PHE C 272 13.22 -6.05 -24.02
N HIS C 273 14.00 -7.13 -24.02
CA HIS C 273 13.93 -8.15 -25.05
C HIS C 273 13.51 -9.45 -24.37
N PHE C 274 12.39 -10.03 -24.80
CA PHE C 274 11.88 -11.22 -24.13
C PHE C 274 12.12 -12.51 -24.86
N TYR C 275 12.77 -13.44 -24.17
CA TYR C 275 12.95 -14.80 -24.66
C TYR C 275 11.66 -15.57 -24.37
N THR C 276 10.70 -15.48 -25.29
CA THR C 276 9.35 -16.00 -25.08
C THR C 276 9.26 -17.52 -25.10
N LEU C 277 10.21 -18.18 -25.75
CA LEU C 277 10.13 -19.63 -26.00
C LEU C 277 8.82 -19.96 -26.71
N ASN C 278 8.35 -19.00 -27.51
CA ASN C 278 7.14 -19.14 -28.32
C ASN C 278 5.83 -19.12 -27.54
N ARG C 279 5.91 -18.79 -26.26
CA ARG C 279 4.71 -18.74 -25.42
C ARG C 279 4.44 -17.30 -25.03
N ALA C 280 3.19 -16.89 -25.10
CA ALA C 280 2.83 -15.49 -24.85
C ALA C 280 2.62 -15.16 -23.37
N GLU C 281 2.06 -16.10 -22.61
CA GLU C 281 1.49 -15.79 -21.29
C GLU C 281 2.39 -14.99 -20.34
N MET C 282 3.57 -15.50 -20.03
CA MET C 282 4.46 -14.85 -19.07
CA MET C 282 4.43 -14.84 -19.06
C MET C 282 4.96 -13.49 -19.56
N SER C 283 5.46 -13.44 -20.78
CA SER C 283 5.95 -12.17 -21.33
C SER C 283 4.82 -11.14 -21.42
N TYR C 284 3.65 -11.59 -21.83
CA TYR C 284 2.51 -10.68 -21.94
C TYR C 284 2.21 -10.04 -20.58
N ALA C 285 2.27 -10.85 -19.52
CA ALA C 285 1.96 -10.38 -18.18
C ALA C 285 3.05 -9.43 -17.66
N ILE C 286 4.31 -9.79 -17.90
CA ILE C 286 5.42 -8.92 -17.51
C ILE C 286 5.30 -7.56 -18.21
N CYS C 287 5.00 -7.59 -19.50
CA CYS C 287 4.78 -6.35 -20.24
C CYS C 287 3.63 -5.56 -19.63
N HIS C 288 2.57 -6.26 -19.26
CA HIS C 288 1.45 -5.58 -18.62
C HIS C 288 1.94 -4.77 -17.42
N THR C 289 2.82 -5.35 -16.59
CA THR C 289 3.31 -4.64 -15.41
C THR C 289 4.13 -3.41 -15.78
N LEU C 290 4.78 -3.45 -16.95
CA LEU C 290 5.54 -2.31 -17.46
C LEU C 290 4.65 -1.30 -18.18
N GLY C 291 3.34 -1.54 -18.18
CA GLY C 291 2.41 -0.63 -18.82
C GLY C 291 2.34 -0.80 -20.32
N VAL C 292 2.91 -1.89 -20.81
CA VAL C 292 2.82 -2.25 -22.23
C VAL C 292 1.59 -3.11 -22.43
N ARG C 293 0.52 -2.47 -22.93
CA ARG C 293 -0.80 -3.09 -22.96
C ARG C 293 -1.50 -2.81 -24.30
N PRO C 294 -2.46 -3.66 -24.68
CA PRO C 294 -3.13 -3.52 -25.97
C PRO C 294 -3.85 -2.17 -26.09
PA FAD D . -8.86 22.74 31.81
O1A FAD D . -9.84 22.88 33.02
O2A FAD D . -9.14 21.65 31.08
O5B FAD D . -7.37 22.61 32.32
C5B FAD D . -6.74 23.72 32.75
C4B FAD D . -5.65 23.43 33.80
O4B FAD D . -6.31 22.99 34.99
C3B FAD D . -4.78 22.24 33.40
O3B FAD D . -3.48 22.49 33.81
C2B FAD D . -5.41 21.10 34.09
O2B FAD D . -4.53 20.04 34.27
C1B FAD D . -5.68 21.79 35.40
N9A FAD D . -6.74 21.17 36.10
C8A FAD D . -7.91 20.55 35.52
N7A FAD D . -8.74 20.09 36.60
C5A FAD D . -8.07 20.45 37.81
C6A FAD D . -8.48 20.25 39.22
N6A FAD D . -9.70 19.57 39.52
N1A FAD D . -7.57 20.74 40.20
C2A FAD D . -6.31 21.43 39.88
N3A FAD D . -5.94 21.63 38.48
C4A FAD D . -6.85 21.13 37.49
N1 FAD D . -9.19 30.43 25.85
C2 FAD D . -10.15 31.50 25.83
O2 FAD D . -10.04 32.36 26.83
N3 FAD D . -11.17 31.57 24.83
C4 FAD D . -11.27 30.63 23.80
O4 FAD D . -12.21 30.64 22.84
C4X FAD D . -10.30 29.54 23.80
N5 FAD D . -10.41 28.56 22.79
C5X FAD D . -9.46 27.51 22.83
C6 FAD D . -9.58 26.48 21.76
C7 FAD D . -8.60 25.37 21.80
C7M FAD D . -8.73 24.33 20.72
C8 FAD D . -7.50 25.33 22.86
C8M FAD D . -6.48 24.21 22.88
C9 FAD D . -7.39 26.36 23.92
C9A FAD D . -8.41 27.47 23.89
N10 FAD D . -8.31 28.44 24.89
C10 FAD D . -9.29 29.48 24.84
C1' FAD D . -7.31 28.45 25.92
C2' FAD D . -7.74 27.84 27.23
O2' FAD D . -8.65 28.40 27.68
C3' FAD D . -6.49 27.82 28.11
O3' FAD D . -5.51 26.98 27.61
C4' FAD D . -6.80 27.59 29.59
O4' FAD D . -5.71 27.89 30.35
C5' FAD D . -7.14 26.14 29.86
O5' FAD D . -8.37 25.85 29.36
P FAD D . -8.96 24.38 29.41
O1P FAD D . -10.40 24.33 28.79
O2P FAD D . -8.06 23.52 28.79
O3P FAD D . -8.98 24.09 30.99
N1 C2F E . -3.97 28.80 23.62
C2 C2F E . -4.19 29.83 24.67
NA2 C2F E . -3.57 29.70 25.98
N3 C2F E . -5.09 30.98 24.40
C4 C2F E . -5.74 31.08 23.13
O4 C2F E . -6.56 32.18 22.87
C4A C2F E . -5.52 30.04 22.04
N5 C2F E . -6.23 30.11 20.79
C6 C2F E . -5.68 29.34 19.65
C7 C2F E . -5.29 27.91 20.09
N8 C2F E . -4.41 27.94 21.26
C8A C2F E . -4.65 28.92 22.32
C9 C2F E . -4.43 30.07 19.19
N10 C2F E . -4.90 31.37 18.72
C11 C2F E . -7.69 30.23 20.87
C12 C2F E . -1.95 34.28 17.09
C13 C2F E . -1.56 32.79 17.18
C14 C2F E . -2.57 31.80 17.75
C15 C2F E . -3.93 32.31 18.22
C16 C2F E . -4.32 33.80 18.13
C17 C2F E . -3.32 34.78 17.55
C C2F E . -0.96 35.28 16.52
O C2F E . 0.14 34.93 16.28
N C2F E . -1.48 36.50 15.92
CA C2F E . -0.52 37.46 15.38
CB C2F E . -0.56 37.54 13.84
CG C2F E . -1.86 36.93 13.28
CD C2F E . -1.76 36.80 11.76
OE1 C2F E . -2.65 37.19 11.07
OE2 C2F E . -0.63 36.22 11.16
CT C2F E . -0.78 38.84 16.01
O1 C2F E . -0.38 39.83 15.50
O2 C2F E . -1.51 38.91 17.21
PA FAD F . -16.17 -6.15 17.41
O1A FAD F . -17.27 -6.23 18.54
O2A FAD F . -14.92 -6.47 17.90
O5B FAD F . -16.25 -4.65 16.79
C5B FAD F . -17.33 -4.32 16.02
C4B FAD F . -17.54 -2.79 16.08
O4B FAD F . -18.07 -2.48 17.38
C3B FAD F . -16.23 -1.99 16.00
O3B FAD F . -16.38 -0.77 15.37
C2B FAD F . -15.85 -1.77 17.42
O2B FAD F . -15.02 -0.69 17.61
C1B FAD F . -17.23 -1.50 17.99
N9A FAD F . -17.34 -1.75 19.38
C8A FAD F . -16.74 -2.80 20.18
N7A FAD F . -17.19 -2.66 21.52
C5A FAD F . -18.08 -1.52 21.54
C6A FAD F . -18.85 -0.86 22.61
N6A FAD F . -18.80 -1.40 23.94
N1A FAD F . -19.68 0.25 22.29
C2A FAD F . -19.73 0.78 20.93
N3A FAD F . -18.97 0.15 19.87
C4A FAD F . -18.17 -0.98 20.19
N1 FAD F . -18.22 -11.85 9.82
C2 FAD F . -19.14 -12.95 9.64
O2 FAD F . -20.45 -12.68 9.61
N3 FAD F . -18.66 -14.30 9.49
C4 FAD F . -17.29 -14.63 9.54
O4 FAD F . -16.95 -15.89 9.41
C4X FAD F . -16.35 -13.52 9.70
N5 FAD F . -14.96 -13.85 9.75
C5X FAD F . -14.07 -12.78 9.93
C6 FAD F . -12.64 -13.16 10.02
C7 FAD F . -11.66 -12.06 10.20
C7M FAD F . -10.22 -12.40 10.26
C8 FAD F . -12.11 -10.62 10.32
C8M FAD F . -11.10 -9.50 10.47
C9 FAD F . -13.57 -10.28 10.25
C9A FAD F . -14.56 -11.39 10.07
N10 FAD F . -15.93 -11.08 10.01
C10 FAD F . -16.86 -12.14 9.83
C1' FAD F . -16.33 -9.72 10.10
C2' FAD F . -16.99 -9.27 11.36
O2' FAD F . -17.87 -10.01 11.72
C3' FAD F . -17.32 -7.78 11.08
O3' FAD F . -16.26 -6.94 10.82
C4' FAD F . -18.24 -7.24 12.18
O4' FAD F . -18.74 -6.04 11.76
C5' FAD F . -17.43 -7.02 13.44
O5' FAD F . -16.86 -8.15 13.97
P FAD F . -15.92 -8.00 15.22
O1P FAD F . -15.76 -9.47 15.81
O2P FAD F . -14.75 -7.37 14.83
O3P FAD F . -16.68 -7.11 16.29
OAB MRY G . -13.06 -13.41 2.80
CAA MRY G . -12.37 -12.40 3.48
CAC MRY G . -13.13 -11.99 4.76
OAD MRY G . -13.26 -13.09 5.63
CAE MRY G . -12.30 -10.88 5.46
OAF MRY G . -12.45 -9.74 4.66
CAG MRY G . -12.88 -10.59 6.86
OAH MRY G . -14.23 -10.22 6.72
PA FAD H . 31.35 -13.32 -30.18
O1A FAD H . 32.40 -13.41 -31.37
O2A FAD H . 31.01 -11.97 -29.97
O5B FAD H . 32.01 -13.95 -28.88
C5B FAD H . 32.26 -15.29 -28.89
C4B FAD H . 33.52 -15.43 -28.12
O4B FAD H . 34.59 -15.04 -29.01
C3B FAD H . 33.53 -14.43 -27.02
O3B FAD H . 34.06 -15.07 -25.94
C2B FAD H . 34.40 -13.30 -27.47
O2B FAD H . 35.01 -12.76 -26.36
C1B FAD H . 35.42 -14.06 -28.33
N9A FAD H . 35.93 -13.30 -29.41
C8A FAD H . 35.16 -12.52 -30.38
N7A FAD H . 36.08 -11.95 -31.36
C5A FAD H . 37.41 -12.44 -31.00
C6A FAD H . 38.74 -12.23 -31.61
N6A FAD H . 38.84 -11.41 -32.78
N1A FAD H . 39.89 -12.85 -31.01
C2A FAD H . 39.82 -13.72 -29.80
N3A FAD H . 38.48 -13.94 -29.20
C4A FAD H . 37.31 -13.29 -29.81
N1 FAD H . 23.26 -18.80 -31.25
C2 FAD H . 22.75 -19.44 -32.47
O2 FAD H . 23.41 -20.54 -32.89
N3 FAD H . 21.59 -18.94 -33.20
C4 FAD H . 20.89 -17.79 -32.72
O4 FAD H . 19.80 -17.29 -33.36
C4X FAD H . 21.40 -17.12 -31.53
N5 FAD H . 20.69 -15.94 -31.11
C5X FAD H . 21.21 -15.32 -29.95
C6 FAD H . 20.46 -14.08 -29.51
C7 FAD H . 20.99 -13.42 -28.29
C7M FAD H . 20.21 -12.20 -27.88
C8 FAD H . 22.19 -13.93 -27.51
C8M FAD H . 22.70 -13.26 -26.26
C9 FAD H . 22.91 -15.17 -27.95
C9A FAD H . 22.40 -15.84 -29.20
N10 FAD H . 23.09 -17.01 -29.65
C10 FAD H . 22.58 -17.64 -30.81
C1' FAD H . 24.21 -17.55 -28.96
C2' FAD H . 25.58 -17.18 -29.48
O2' FAD H . 25.67 -17.49 -30.59
C3' FAD H . 26.61 -17.84 -28.63
O3' FAD H . 26.65 -17.30 -27.37
C4' FAD H . 28.04 -17.91 -29.26
O4' FAD H . 28.78 -18.63 -28.35
C5' FAD H . 28.69 -16.50 -29.28
O5' FAD H . 28.10 -15.68 -30.20
P FAD H . 28.47 -14.08 -30.27
O1P FAD H . 27.53 -13.52 -31.39
O2P FAD H . 28.37 -13.51 -29.02
O3P FAD H . 30.04 -14.03 -30.77
N1 C2F I . 22.55 -18.60 -25.47
C2 C2F I . 23.15 -19.70 -26.27
NA2 C2F I . 24.47 -20.17 -25.94
N3 C2F I . 22.37 -20.30 -27.40
C4 C2F I . 21.05 -19.82 -27.72
O4 C2F I . 20.32 -20.39 -28.77
C4A C2F I . 20.44 -18.68 -26.90
N5 C2F I . 19.13 -18.15 -27.23
C6 C2F I . 18.44 -17.42 -26.14
C7 C2F I . 19.38 -16.39 -25.50
N8 C2F I . 20.59 -17.02 -25.02
C8A C2F I . 21.19 -18.10 -25.81
C9 C2F I . 18.10 -18.49 -25.08
N10 C2F I . 17.07 -19.33 -25.69
C11 C2F I . 18.79 -17.81 -28.61
C12 C2F I . 15.14 -22.51 -23.18
C13 C2F I . 15.74 -21.27 -22.48
C14 C2F I . 16.40 -20.19 -23.35
C15 C2F I . 16.46 -20.36 -24.87
C16 C2F I . 15.86 -21.60 -25.57
C17 C2F I . 15.21 -22.69 -24.70
C C2F I . 14.48 -23.61 -22.35
O C2F I . 14.89 -23.89 -21.27
N C2F I . 13.31 -24.27 -22.91
CA C2F I . 12.87 -25.55 -22.35
CB C2F I . 11.35 -25.52 -22.14
CG C2F I . 10.73 -24.36 -22.94
CD C2F I . 9.41 -23.89 -22.29
OE1 C2F I . 8.39 -23.92 -22.92
OE2 C2F I . 9.40 -23.43 -20.97
CT C2F I . 13.24 -26.63 -23.38
O1 C2F I . 12.72 -26.63 -24.44
O2 C2F I . 14.21 -27.60 -23.05
S SO4 J . 23.25 -15.39 -3.94
O1 SO4 J . 23.23 -14.22 -4.83
O2 SO4 J . 24.13 -15.11 -2.81
O3 SO4 J . 21.90 -15.65 -3.44
O4 SO4 J . 23.74 -16.55 -4.68
#